data_6RR0
#
_entry.id   6RR0
#
_cell.length_a   70.040
_cell.length_b   75.280
_cell.length_c   95.910
_cell.angle_alpha   90.00
_cell.angle_beta   97.24
_cell.angle_gamma   90.00
#
_symmetry.space_group_name_H-M   'P 1 21 1'
#
loop_
_entity.id
_entity.type
_entity.pdbx_description
1 polymer 'Regulatory protein SIR4'
2 polymer 'Ubiquitin carboxyl-terminal hydrolase 10'
3 non-polymer 'CHLORIDE ION'
4 water water
#
loop_
_entity_poly.entity_id
_entity_poly.type
_entity_poly.pdbx_seq_one_letter_code
_entity_poly.pdbx_strand_id
1 'polypeptide(L)'
;GPKPKNTKENLSKSSWRQEWLANLKLISVSLVDEFPSELSDSDRQIINEKMQLLKDIFANNLKSAISNNFRESDIIILKG
EIEDYPMSSEIKIYYNELQNKPDAKKARFWSFMKTQRFVSNMGFDIQ
;
A,B,C,D,E,F,G
2 'polypeptide(L)' LSTELS(TPO)EPPSS H,I,J,K,L,M,N
#
# COMPACT_ATOMS: atom_id res chain seq x y z
N LEU A 11 18.13 33.03 20.51
CA LEU A 11 16.77 32.50 20.56
C LEU A 11 16.24 32.35 21.97
N SER A 12 14.92 32.59 22.15
CA SER A 12 14.20 32.40 23.41
C SER A 12 13.63 30.97 23.37
N LYS A 13 13.12 30.45 24.51
CA LYS A 13 12.52 29.12 24.60
C LYS A 13 11.25 29.04 23.73
N SER A 14 10.49 30.15 23.65
CA SER A 14 9.27 30.28 22.85
C SER A 14 9.57 30.12 21.34
N SER A 15 10.64 30.81 20.83
CA SER A 15 11.13 30.77 19.44
C SER A 15 11.73 29.39 19.11
N TRP A 16 12.40 28.78 20.10
CA TRP A 16 13.00 27.47 20.00
C TRP A 16 11.91 26.41 19.81
N ARG A 17 10.81 26.51 20.60
CA ARG A 17 9.66 25.60 20.56
C ARG A 17 8.91 25.67 19.22
N GLN A 18 8.71 26.89 18.69
CA GLN A 18 8.01 27.12 17.42
C GLN A 18 8.80 26.58 16.23
N GLU A 19 10.14 26.71 16.26
CA GLU A 19 11.04 26.20 15.22
C GLU A 19 11.05 24.68 15.23
N TRP A 20 11.01 24.07 16.44
CA TRP A 20 10.94 22.61 16.54
C TRP A 20 9.63 22.09 16.01
N LEU A 21 8.49 22.70 16.40
CA LEU A 21 7.14 22.32 15.98
C LEU A 21 6.97 22.33 14.46
N ALA A 22 7.52 23.37 13.77
CA ALA A 22 7.50 23.48 12.32
C ALA A 22 8.33 22.36 11.67
N ASN A 23 9.48 22.03 12.26
CA ASN A 23 10.31 20.92 11.81
C ASN A 23 9.68 19.54 12.05
N LEU A 24 9.06 19.33 13.23
CA LEU A 24 8.45 18.03 13.59
C LEU A 24 7.33 17.60 12.64
N LYS A 25 6.66 18.55 12.00
CA LYS A 25 5.62 18.29 10.99
C LYS A 25 6.22 17.66 9.73
N LEU A 26 7.55 17.80 9.53
CA LEU A 26 8.32 17.34 8.35
C LEU A 26 9.35 16.29 8.70
N ILE A 27 9.13 15.61 9.82
CA ILE A 27 10.04 14.59 10.36
C ILE A 27 9.37 13.22 10.48
N SER A 28 10.14 12.17 10.20
CA SER A 28 9.77 10.77 10.40
C SER A 28 10.51 10.33 11.67
N VAL A 29 9.78 9.68 12.57
CA VAL A 29 10.28 9.20 13.85
C VAL A 29 10.13 7.69 13.91
N SER A 30 11.17 6.99 14.37
CA SER A 30 11.24 5.54 14.60
C SER A 30 11.47 5.28 16.07
N LEU A 31 10.72 4.34 16.64
CA LEU A 31 10.86 3.94 18.03
C LEU A 31 11.32 2.48 17.95
N VAL A 32 12.58 2.21 18.34
CA VAL A 32 13.20 0.88 18.18
C VAL A 32 12.59 -0.22 19.09
N ASP A 33 12.74 -1.47 18.67
CA ASP A 33 12.27 -2.65 19.40
C ASP A 33 13.28 -3.19 20.42
N GLU A 34 14.56 -3.02 20.11
CA GLU A 34 15.66 -3.59 20.86
C GLU A 34 15.93 -2.93 22.22
N PHE A 35 16.00 -3.78 23.27
CA PHE A 35 16.39 -3.35 24.63
C PHE A 35 17.91 -3.52 24.63
N PRO A 36 18.71 -2.49 24.98
CA PRO A 36 20.17 -2.66 24.96
C PRO A 36 20.76 -3.70 25.92
N SER A 37 20.13 -3.91 27.10
CA SER A 37 20.65 -4.83 28.11
C SER A 37 19.59 -5.70 28.80
N GLU A 38 20.06 -6.70 29.57
CA GLU A 38 19.25 -7.63 30.34
C GLU A 38 18.49 -6.86 31.41
N LEU A 39 17.16 -7.07 31.43
CA LEU A 39 16.23 -6.44 32.35
C LEU A 39 15.20 -7.45 32.74
N SER A 40 14.42 -7.16 33.79
CA SER A 40 13.34 -8.03 34.21
C SER A 40 12.12 -7.77 33.30
N ASP A 41 11.08 -8.61 33.41
CA ASP A 41 9.82 -8.47 32.68
C ASP A 41 9.12 -7.16 33.08
N SER A 42 9.24 -6.79 34.36
CA SER A 42 8.69 -5.59 34.96
C SER A 42 9.36 -4.33 34.39
N ASP A 43 10.72 -4.31 34.32
CA ASP A 43 11.50 -3.20 33.76
C ASP A 43 11.20 -2.99 32.28
N ARG A 44 11.07 -4.10 31.52
CA ARG A 44 10.77 -4.03 30.09
C ARG A 44 9.38 -3.49 29.85
N GLN A 45 8.38 -3.89 30.68
CA GLN A 45 7.01 -3.42 30.61
C GLN A 45 6.93 -1.91 30.90
N ILE A 46 7.69 -1.42 31.90
CA ILE A 46 7.76 0.01 32.26
C ILE A 46 8.30 0.85 31.11
N ILE A 47 9.41 0.41 30.47
CA ILE A 47 10.02 1.08 29.31
C ILE A 47 9.02 1.08 28.13
N ASN A 48 8.42 -0.09 27.83
CA ASN A 48 7.46 -0.24 26.74
C ASN A 48 6.25 0.68 26.87
N GLU A 49 5.69 0.83 28.08
CA GLU A 49 4.55 1.73 28.35
C GLU A 49 4.95 3.17 28.08
N LYS A 50 6.19 3.58 28.46
CA LYS A 50 6.75 4.92 28.23
C LYS A 50 6.97 5.17 26.71
N MET A 51 7.49 4.16 26.00
CA MET A 51 7.71 4.20 24.54
C MET A 51 6.38 4.42 23.81
N GLN A 52 5.32 3.70 24.22
CA GLN A 52 3.97 3.80 23.64
C GLN A 52 3.37 5.22 23.81
N LEU A 53 3.62 5.87 24.98
CA LEU A 53 3.17 7.24 25.27
C LEU A 53 3.90 8.24 24.41
N LEU A 54 5.22 8.02 24.21
CA LEU A 54 6.06 8.84 23.35
C LEU A 54 5.62 8.72 21.89
N LYS A 55 5.27 7.50 21.42
CA LYS A 55 4.77 7.27 20.06
C LYS A 55 3.50 8.12 19.80
N ASP A 56 2.57 8.15 20.78
CA ASP A 56 1.31 8.91 20.72
C ASP A 56 1.55 10.42 20.71
N ILE A 57 2.51 10.91 21.50
CA ILE A 57 2.87 12.34 21.54
C ILE A 57 3.43 12.77 20.18
N PHE A 58 4.38 11.99 19.63
CA PHE A 58 4.96 12.29 18.31
C PHE A 58 3.93 12.27 17.18
N ALA A 59 3.05 11.24 17.16
CA ALA A 59 2.02 11.10 16.13
C ALA A 59 0.88 12.11 16.26
N ASN A 60 0.32 12.28 17.47
CA ASN A 60 -0.87 13.12 17.68
C ASN A 60 -0.62 14.56 18.07
N ASN A 61 0.43 14.83 18.86
CA ASN A 61 0.68 16.19 19.32
C ASN A 61 1.72 16.94 18.52
N LEU A 62 2.81 16.25 18.17
CA LEU A 62 3.94 16.85 17.44
C LEU A 62 3.74 16.74 15.93
N LYS A 63 2.81 15.88 15.51
CA LYS A 63 2.37 15.65 14.14
C LYS A 63 3.46 15.08 13.21
N SER A 64 4.39 14.29 13.77
CA SER A 64 5.45 13.61 13.04
C SER A 64 4.90 12.31 12.45
N ALA A 65 5.57 11.79 11.39
CA ALA A 65 5.21 10.51 10.79
C ALA A 65 5.93 9.40 11.58
N ILE A 66 5.23 8.32 11.92
CA ILE A 66 5.87 7.19 12.61
C ILE A 66 6.42 6.27 11.52
N SER A 67 7.70 5.93 11.59
CA SER A 67 8.34 5.04 10.63
C SER A 67 8.70 3.71 11.28
N ASN A 68 8.56 2.63 10.53
CA ASN A 68 8.93 1.28 10.99
C ASN A 68 10.37 0.92 10.66
N ASN A 69 11.03 1.78 9.89
CA ASN A 69 12.41 1.62 9.46
C ASN A 69 13.25 2.75 10.06
N PHE A 70 14.14 2.39 11.00
CA PHE A 70 15.00 3.36 11.69
C PHE A 70 16.00 4.05 10.73
N ARG A 71 16.26 3.48 9.53
CA ARG A 71 17.11 4.03 8.47
C ARG A 71 16.34 5.01 7.57
N GLU A 72 15.01 5.15 7.77
CA GLU A 72 14.14 6.07 7.04
C GLU A 72 13.46 6.99 8.05
N SER A 73 14.29 7.56 8.94
CA SER A 73 13.89 8.42 10.05
C SER A 73 14.88 9.53 10.32
N ASP A 74 14.37 10.67 10.78
CA ASP A 74 15.18 11.83 11.20
C ASP A 74 15.47 11.71 12.69
N ILE A 75 14.50 11.18 13.46
CA ILE A 75 14.63 10.94 14.92
C ILE A 75 14.43 9.44 15.23
N ILE A 76 15.35 8.88 16.02
CA ILE A 76 15.31 7.50 16.45
C ILE A 76 15.21 7.49 17.98
N ILE A 77 14.10 6.94 18.52
CA ILE A 77 13.86 6.84 19.96
C ILE A 77 14.29 5.46 20.43
N LEU A 78 15.27 5.41 21.34
CA LEU A 78 15.89 4.19 21.87
C LEU A 78 15.30 3.77 23.23
N LYS A 79 15.47 2.47 23.58
CA LYS A 79 14.99 1.92 24.87
C LYS A 79 16.06 2.02 25.98
N GLY A 80 17.13 2.76 25.69
CA GLY A 80 18.26 3.04 26.57
C GLY A 80 19.21 4.03 25.93
N GLU A 81 20.44 4.15 26.44
CA GLU A 81 21.46 5.07 25.87
C GLU A 81 22.15 4.35 24.73
N ILE A 82 22.59 5.08 23.68
CA ILE A 82 23.24 4.44 22.52
C ILE A 82 24.51 3.65 22.91
N GLU A 83 25.30 4.20 23.84
CA GLU A 83 26.53 3.57 24.34
C GLU A 83 26.26 2.22 25.01
N ASP A 84 25.00 1.98 25.46
CA ASP A 84 24.59 0.74 26.10
C ASP A 84 24.26 -0.39 25.11
N TYR A 85 24.01 -0.09 23.81
CA TYR A 85 23.68 -1.10 22.81
C TYR A 85 24.93 -1.92 22.42
N PRO A 86 24.84 -3.28 22.21
CA PRO A 86 26.06 -4.05 21.83
C PRO A 86 26.55 -3.71 20.42
N MET A 87 27.84 -3.97 20.12
CA MET A 87 28.45 -3.69 18.81
C MET A 87 27.77 -4.43 17.65
N SER A 88 27.23 -5.62 17.94
CA SER A 88 26.54 -6.48 16.99
C SER A 88 25.12 -6.01 16.65
N SER A 89 24.55 -5.16 17.49
CA SER A 89 23.21 -4.58 17.33
C SER A 89 23.12 -3.73 16.05
N GLU A 90 22.05 -3.93 15.25
CA GLU A 90 21.77 -3.22 14.00
C GLU A 90 21.73 -1.71 14.18
N ILE A 91 21.11 -1.23 15.28
CA ILE A 91 21.03 0.21 15.57
C ILE A 91 22.43 0.80 15.89
N LYS A 92 23.23 0.06 16.68
CA LYS A 92 24.57 0.46 17.06
C LYS A 92 25.49 0.56 15.84
N ILE A 93 25.40 -0.42 14.89
CA ILE A 93 26.17 -0.47 13.64
C ILE A 93 25.87 0.78 12.80
N TYR A 94 24.57 1.05 12.57
CA TYR A 94 24.05 2.19 11.83
C TYR A 94 24.49 3.51 12.45
N TYR A 95 24.40 3.62 13.81
CA TYR A 95 24.86 4.78 14.57
C TYR A 95 26.35 5.01 14.30
N ASN A 96 27.18 3.95 14.46
CA ASN A 96 28.62 4.05 14.23
C ASN A 96 28.98 4.46 12.81
N GLU A 97 28.22 3.95 11.83
CA GLU A 97 28.41 4.26 10.41
C GLU A 97 28.08 5.70 10.11
N LEU A 98 27.07 6.26 10.80
CA LEU A 98 26.69 7.66 10.61
C LEU A 98 27.68 8.61 11.22
N GLN A 99 28.22 8.26 12.40
CA GLN A 99 29.21 9.07 13.13
C GLN A 99 30.51 9.24 12.35
N ASN A 100 30.89 8.23 11.54
CA ASN A 100 32.10 8.26 10.73
C ASN A 100 32.00 9.09 9.45
N LYS A 101 30.78 9.25 8.90
CA LYS A 101 30.56 10.01 7.68
C LYS A 101 30.23 11.50 7.96
N PRO A 102 31.17 12.44 7.69
CA PRO A 102 30.86 13.86 7.94
C PRO A 102 29.75 14.45 7.06
N ASP A 103 29.66 13.98 5.80
CA ASP A 103 28.71 14.44 4.77
C ASP A 103 27.37 13.67 4.73
N ALA A 104 27.27 12.54 5.47
CA ALA A 104 26.07 11.70 5.53
C ALA A 104 24.84 12.43 6.05
N LYS A 105 23.63 11.92 5.69
CA LYS A 105 22.35 12.44 6.16
C LYS A 105 22.30 12.18 7.66
N LYS A 106 22.00 13.22 8.44
CA LYS A 106 22.04 13.12 9.89
C LYS A 106 20.71 12.76 10.53
N ALA A 107 20.75 11.74 11.38
CA ALA A 107 19.63 11.32 12.18
C ALA A 107 20.01 11.51 13.63
N ARG A 108 19.03 11.79 14.47
CA ARG A 108 19.26 11.95 15.89
C ARG A 108 18.91 10.66 16.61
N PHE A 109 19.74 10.26 17.55
CA PHE A 109 19.54 9.03 18.32
C PHE A 109 19.28 9.47 19.73
N TRP A 110 18.05 9.36 20.18
CA TRP A 110 17.67 9.84 21.50
C TRP A 110 17.26 8.68 22.38
N SER A 111 17.76 8.67 23.62
CA SER A 111 17.38 7.70 24.63
C SER A 111 15.93 8.02 25.02
N PHE A 112 15.18 7.06 25.60
CA PHE A 112 13.79 7.40 25.96
C PHE A 112 13.73 8.49 27.10
N MET A 113 14.78 8.61 27.96
CA MET A 113 14.85 9.66 28.99
C MET A 113 15.07 11.05 28.38
N LYS A 114 15.99 11.15 27.41
CA LYS A 114 16.24 12.40 26.68
C LYS A 114 14.94 12.82 25.92
N THR A 115 14.21 11.83 25.34
CA THR A 115 12.97 12.08 24.59
C THR A 115 11.86 12.61 25.51
N GLN A 116 11.75 12.04 26.73
CA GLN A 116 10.77 12.47 27.75
C GLN A 116 11.02 13.91 28.15
N ARG A 117 12.30 14.29 28.35
CA ARG A 117 12.71 15.65 28.70
C ARG A 117 12.41 16.63 27.54
N PHE A 118 12.66 16.19 26.29
CA PHE A 118 12.42 17.00 25.08
C PHE A 118 10.93 17.35 24.95
N VAL A 119 10.07 16.33 25.03
CA VAL A 119 8.62 16.36 24.89
C VAL A 119 8.01 17.28 26.00
N SER A 120 8.58 17.20 27.22
CA SER A 120 8.19 18.04 28.36
C SER A 120 8.58 19.51 28.07
N ASN A 121 9.73 19.73 27.36
CA ASN A 121 10.18 21.07 26.99
C ASN A 121 9.37 21.64 25.81
N MET A 122 8.54 20.80 25.17
CA MET A 122 7.68 21.15 24.03
C MET A 122 6.24 21.49 24.43
N GLY A 123 5.89 21.26 25.70
CA GLY A 123 4.57 21.53 26.26
C GLY A 123 3.71 20.30 26.51
N PHE A 124 4.33 19.09 26.55
CA PHE A 124 3.62 17.83 26.79
C PHE A 124 4.33 17.04 27.88
N ASP A 125 4.18 17.51 29.13
CA ASP A 125 4.82 16.96 30.34
C ASP A 125 4.48 15.50 30.65
N ILE A 126 5.43 14.58 30.44
CA ILE A 126 5.33 13.15 30.76
C ILE A 126 6.68 12.65 31.34
N ASN B 10 -11.40 4.03 9.39
CA ASN B 10 -11.30 3.94 7.94
C ASN B 10 -9.84 3.88 7.44
N LEU B 11 -9.16 2.76 7.73
CA LEU B 11 -7.79 2.45 7.32
C LEU B 11 -7.82 1.34 6.28
N SER B 12 -6.76 1.20 5.47
CA SER B 12 -6.59 0.09 4.53
C SER B 12 -5.86 -1.02 5.31
N LYS B 13 -5.80 -2.26 4.76
CA LYS B 13 -5.11 -3.39 5.42
C LYS B 13 -3.61 -3.11 5.52
N SER B 14 -3.05 -2.41 4.51
CA SER B 14 -1.63 -2.05 4.45
C SER B 14 -1.27 -1.07 5.58
N SER B 15 -2.11 -0.04 5.80
CA SER B 15 -1.95 0.96 6.87
C SER B 15 -2.15 0.31 8.24
N TRP B 16 -3.16 -0.57 8.37
CA TRP B 16 -3.50 -1.33 9.57
C TRP B 16 -2.29 -2.19 10.00
N ARG B 17 -1.63 -2.85 9.02
CA ARG B 17 -0.46 -3.71 9.25
C ARG B 17 0.74 -2.88 9.74
N GLN B 18 0.96 -1.69 9.15
CA GLN B 18 2.07 -0.81 9.53
C GLN B 18 1.92 -0.27 10.94
N GLU B 19 0.68 0.09 11.33
CA GLU B 19 0.34 0.57 12.69
C GLU B 19 0.54 -0.53 13.73
N TRP B 20 0.18 -1.78 13.38
CA TRP B 20 0.40 -2.91 14.27
C TRP B 20 1.87 -3.20 14.47
N LEU B 21 2.65 -3.25 13.37
CA LEU B 21 4.12 -3.48 13.39
C LEU B 21 4.88 -2.47 14.26
N ALA B 22 4.50 -1.16 14.18
CA ALA B 22 5.07 -0.09 15.00
C ALA B 22 4.75 -0.33 16.47
N ASN B 23 3.51 -0.77 16.79
CA ASN B 23 3.11 -1.08 18.15
C ASN B 23 3.79 -2.30 18.71
N LEU B 24 3.90 -3.38 17.91
CA LEU B 24 4.49 -4.67 18.31
C LEU B 24 5.94 -4.57 18.78
N LYS B 25 6.69 -3.56 18.28
CA LYS B 25 8.06 -3.24 18.68
C LYS B 25 8.11 -2.74 20.14
N LEU B 26 6.98 -2.24 20.66
CA LEU B 26 6.85 -1.63 21.99
C LEU B 26 5.91 -2.42 22.89
N ILE B 27 5.71 -3.70 22.59
CA ILE B 27 4.81 -4.60 23.31
C ILE B 27 5.56 -5.80 23.91
N SER B 28 5.11 -6.22 25.09
CA SER B 28 5.53 -7.44 25.79
C SER B 28 4.39 -8.45 25.57
N VAL B 29 4.74 -9.63 25.14
CA VAL B 29 3.82 -10.74 24.83
C VAL B 29 4.10 -11.89 25.78
N SER B 30 3.02 -12.49 26.34
CA SER B 30 3.10 -13.61 27.24
C SER B 30 2.31 -14.80 26.67
N LEU B 31 2.93 -15.98 26.61
CA LEU B 31 2.27 -17.19 26.11
C LEU B 31 2.07 -18.10 27.35
N VAL B 32 0.82 -18.29 27.77
CA VAL B 32 0.49 -19.03 29.00
C VAL B 32 0.78 -20.55 28.93
N ASP B 33 1.01 -21.15 30.11
CA ASP B 33 1.31 -22.57 30.26
C ASP B 33 0.05 -23.44 30.36
N GLU B 34 -0.98 -22.91 30.99
CA GLU B 34 -2.19 -23.65 31.30
C GLU B 34 -3.08 -23.97 30.11
N PHE B 35 -3.53 -25.23 30.03
CA PHE B 35 -4.51 -25.67 29.04
C PHE B 35 -5.91 -25.40 29.67
N PRO B 36 -6.92 -24.86 28.95
CA PRO B 36 -8.22 -24.60 29.60
C PRO B 36 -8.99 -25.85 30.06
N SER B 37 -8.91 -26.92 29.25
CA SER B 37 -9.65 -28.16 29.48
C SER B 37 -8.83 -29.42 29.26
N GLU B 38 -9.47 -30.57 29.59
CA GLU B 38 -8.91 -31.92 29.46
C GLU B 38 -8.81 -32.35 28.01
N LEU B 39 -7.59 -32.66 27.60
CA LEU B 39 -7.27 -33.03 26.23
C LEU B 39 -6.39 -34.25 26.24
N SER B 40 -6.20 -34.88 25.07
CA SER B 40 -5.30 -36.02 24.96
C SER B 40 -3.83 -35.48 24.90
N ASP B 41 -2.84 -36.38 24.99
CA ASP B 41 -1.42 -36.05 24.89
C ASP B 41 -1.12 -35.50 23.49
N SER B 42 -1.79 -36.06 22.46
CA SER B 42 -1.70 -35.68 21.07
C SER B 42 -2.22 -34.25 20.85
N ASP B 43 -3.42 -33.90 21.41
CA ASP B 43 -4.03 -32.57 21.30
C ASP B 43 -3.17 -31.52 21.98
N ARG B 44 -2.60 -31.85 23.16
CA ARG B 44 -1.73 -30.93 23.90
C ARG B 44 -0.42 -30.68 23.15
N GLN B 45 0.15 -31.73 22.51
CA GLN B 45 1.37 -31.60 21.70
C GLN B 45 1.14 -30.71 20.48
N ILE B 46 -0.02 -30.85 19.80
CA ILE B 46 -0.41 -30.05 18.64
C ILE B 46 -0.52 -28.55 19.02
N ILE B 47 -1.18 -28.22 20.16
CA ILE B 47 -1.32 -26.85 20.65
C ILE B 47 0.07 -26.29 21.01
N ASN B 48 0.88 -27.07 21.76
CA ASN B 48 2.23 -26.67 22.18
C ASN B 48 3.16 -26.34 21.02
N GLU B 49 3.13 -27.16 19.94
CA GLU B 49 3.93 -26.92 18.74
C GLU B 49 3.52 -25.59 18.09
N LYS B 50 2.22 -25.29 18.05
CA LYS B 50 1.68 -24.05 17.48
C LYS B 50 2.08 -22.85 18.34
N MET B 51 2.02 -22.99 19.69
CA MET B 51 2.43 -21.96 20.65
C MET B 51 3.90 -21.61 20.49
N GLN B 52 4.76 -22.63 20.30
CA GLN B 52 6.21 -22.46 20.10
C GLN B 52 6.53 -21.65 18.82
N LEU B 53 5.76 -21.89 17.75
CA LEU B 53 5.92 -21.20 16.46
C LEU B 53 5.48 -19.75 16.59
N LEU B 54 4.39 -19.52 17.34
CA LEU B 54 3.87 -18.19 17.63
C LEU B 54 4.85 -17.39 18.47
N LYS B 55 5.50 -18.03 19.48
CA LYS B 55 6.52 -17.38 20.31
C LYS B 55 7.69 -16.87 19.44
N ASP B 56 8.14 -17.70 18.47
CA ASP B 56 9.23 -17.36 17.53
C ASP B 56 8.85 -16.21 16.60
N ILE B 57 7.60 -16.19 16.10
CA ILE B 57 7.09 -15.12 15.24
C ILE B 57 7.08 -13.79 15.99
N PHE B 58 6.54 -13.78 17.23
CA PHE B 58 6.50 -12.57 18.06
C PHE B 58 7.89 -12.05 18.38
N ALA B 59 8.82 -12.93 18.78
CA ALA B 59 10.18 -12.54 19.13
C ALA B 59 11.05 -12.12 17.94
N ASN B 60 11.06 -12.93 16.87
CA ASN B 60 11.95 -12.73 15.72
C ASN B 60 11.38 -11.91 14.58
N ASN B 61 10.07 -12.02 14.29
CA ASN B 61 9.50 -11.31 13.16
C ASN B 61 8.79 -10.04 13.53
N LEU B 62 8.02 -10.08 14.62
CA LEU B 62 7.22 -8.93 15.07
C LEU B 62 8.03 -8.04 16.02
N LYS B 63 9.14 -8.58 16.55
CA LYS B 63 10.12 -7.90 17.40
C LYS B 63 9.56 -7.47 18.77
N SER B 64 8.60 -8.22 19.29
CA SER B 64 8.01 -8.01 20.62
C SER B 64 8.90 -8.66 21.68
N ALA B 65 8.79 -8.19 22.95
CA ALA B 65 9.55 -8.79 24.06
C ALA B 65 8.71 -9.96 24.60
N ILE B 66 9.33 -11.10 24.88
CA ILE B 66 8.62 -12.25 25.44
C ILE B 66 8.67 -12.10 26.95
N SER B 67 7.51 -12.11 27.59
CA SER B 67 7.42 -11.98 29.04
C SER B 67 7.00 -13.30 29.68
N ASN B 68 7.59 -13.62 30.84
CA ASN B 68 7.26 -14.80 31.62
C ASN B 68 6.14 -14.53 32.62
N ASN B 69 5.78 -13.25 32.77
CA ASN B 69 4.73 -12.79 33.67
C ASN B 69 3.60 -12.21 32.83
N PHE B 70 2.45 -12.92 32.75
CA PHE B 70 1.29 -12.45 31.98
C PHE B 70 0.70 -11.12 32.48
N ARG B 71 0.99 -10.74 33.76
CA ARG B 71 0.55 -9.48 34.38
C ARG B 71 1.49 -8.33 33.98
N GLU B 72 2.58 -8.63 33.25
CA GLU B 72 3.56 -7.65 32.74
C GLU B 72 3.64 -7.80 31.22
N SER B 73 2.45 -7.81 30.59
CA SER B 73 2.26 -8.02 29.15
C SER B 73 1.11 -7.22 28.62
N ASP B 74 1.21 -6.81 27.35
CA ASP B 74 0.17 -6.09 26.63
C ASP B 74 -0.70 -7.10 25.88
N ILE B 75 -0.12 -8.25 25.48
CA ILE B 75 -0.81 -9.31 24.76
C ILE B 75 -0.55 -10.67 25.44
N ILE B 76 -1.63 -11.41 25.72
CA ILE B 76 -1.59 -12.72 26.36
C ILE B 76 -2.13 -13.74 25.39
N ILE B 77 -1.27 -14.69 24.99
N ILE B 77 -1.29 -14.71 25.02
CA ILE B 77 -1.66 -15.77 24.07
CA ILE B 77 -1.62 -15.80 24.10
C ILE B 77 -2.05 -16.98 24.91
C ILE B 77 -2.06 -16.98 24.93
N LEU B 78 -3.30 -17.43 24.72
CA LEU B 78 -3.90 -18.56 25.47
C LEU B 78 -3.84 -19.87 24.68
N LYS B 79 -4.02 -21.00 25.40
CA LYS B 79 -4.05 -22.33 24.82
C LYS B 79 -5.50 -22.79 24.48
N GLY B 80 -6.43 -21.84 24.52
CA GLY B 80 -7.83 -22.04 24.18
C GLY B 80 -8.55 -20.71 24.25
N GLU B 81 -9.91 -20.73 24.30
CA GLU B 81 -10.69 -19.49 24.44
C GLU B 81 -10.75 -19.18 25.95
N ILE B 82 -10.79 -17.88 26.32
CA ILE B 82 -10.83 -17.46 27.71
C ILE B 82 -12.07 -18.02 28.48
N GLU B 83 -13.22 -18.20 27.82
CA GLU B 83 -14.39 -18.76 28.49
C GLU B 83 -14.30 -20.27 28.76
N ASP B 84 -13.31 -20.98 28.18
CA ASP B 84 -13.09 -22.43 28.45
C ASP B 84 -12.21 -22.61 29.69
N TYR B 85 -11.54 -21.53 30.15
CA TYR B 85 -10.65 -21.61 31.32
C TYR B 85 -11.46 -21.71 32.61
N PRO B 86 -11.09 -22.58 33.59
CA PRO B 86 -11.88 -22.64 34.84
C PRO B 86 -11.74 -21.36 35.66
N MET B 87 -12.74 -21.09 36.50
CA MET B 87 -12.82 -19.92 37.37
C MET B 87 -11.64 -19.80 38.33
N SER B 88 -11.11 -20.95 38.78
CA SER B 88 -9.98 -21.08 39.70
C SER B 88 -8.61 -20.80 39.04
N SER B 89 -8.54 -20.82 37.70
CA SER B 89 -7.29 -20.55 37.00
C SER B 89 -6.86 -19.10 37.16
N GLU B 90 -5.55 -18.88 37.45
CA GLU B 90 -4.93 -17.57 37.67
C GLU B 90 -5.15 -16.62 36.50
N ILE B 91 -5.08 -17.10 35.25
CA ILE B 91 -5.26 -16.28 34.07
C ILE B 91 -6.73 -15.79 33.94
N LYS B 92 -7.73 -16.65 34.29
CA LYS B 92 -9.16 -16.33 34.27
C LYS B 92 -9.50 -15.31 35.37
N ILE B 93 -8.93 -15.45 36.59
CA ILE B 93 -9.12 -14.51 37.69
C ILE B 93 -8.64 -13.12 37.23
N TYR B 94 -7.43 -13.04 36.67
CA TYR B 94 -6.81 -11.81 36.16
C TYR B 94 -7.67 -11.18 35.05
N TYR B 95 -8.14 -12.01 34.09
CA TYR B 95 -9.04 -11.60 33.01
C TYR B 95 -10.32 -10.96 33.61
N ASN B 96 -10.98 -11.69 34.54
CA ASN B 96 -12.21 -11.26 35.20
C ASN B 96 -12.08 -9.96 35.91
N GLU B 97 -10.95 -9.74 36.61
CA GLU B 97 -10.72 -8.50 37.33
C GLU B 97 -10.44 -7.33 36.35
N LEU B 98 -9.82 -7.59 35.17
CA LEU B 98 -9.58 -6.55 34.19
C LEU B 98 -10.87 -6.10 33.52
N GLN B 99 -11.77 -7.05 33.20
CA GLN B 99 -13.08 -6.78 32.57
C GLN B 99 -13.96 -5.96 33.47
N ASN B 100 -13.86 -6.17 34.80
CA ASN B 100 -14.63 -5.45 35.80
C ASN B 100 -14.19 -3.99 36.07
N LYS B 101 -12.92 -3.67 35.83
CA LYS B 101 -12.34 -2.33 36.05
C LYS B 101 -12.17 -1.51 34.75
N PRO B 102 -13.11 -0.59 34.41
CA PRO B 102 -12.97 0.21 33.17
C PRO B 102 -11.70 1.06 32.99
N ASP B 103 -11.09 1.52 34.11
CA ASP B 103 -9.87 2.36 34.14
C ASP B 103 -8.52 1.58 34.25
N ALA B 104 -8.59 0.26 34.52
CA ALA B 104 -7.44 -0.61 34.67
C ALA B 104 -6.52 -0.62 33.43
N LYS B 105 -5.22 -0.95 33.64
CA LYS B 105 -4.25 -1.08 32.55
C LYS B 105 -4.72 -2.26 31.66
N LYS B 106 -4.88 -1.97 30.37
CA LYS B 106 -5.44 -2.86 29.37
C LYS B 106 -4.46 -3.89 28.78
N ALA B 107 -4.89 -5.15 28.71
CA ALA B 107 -4.17 -6.24 28.06
C ALA B 107 -5.15 -6.99 27.18
N ARG B 108 -4.66 -7.53 26.07
CA ARG B 108 -5.46 -8.33 25.16
C ARG B 108 -5.27 -9.80 25.46
N PHE B 109 -6.35 -10.56 25.46
CA PHE B 109 -6.35 -12.00 25.73
C PHE B 109 -6.74 -12.69 24.45
N TRP B 110 -5.80 -13.31 23.78
CA TRP B 110 -6.07 -13.96 22.48
C TRP B 110 -5.92 -15.45 22.54
N SER B 111 -6.86 -16.19 21.95
CA SER B 111 -6.79 -17.65 21.83
C SER B 111 -5.66 -17.96 20.81
N PHE B 112 -5.08 -19.16 20.79
CA PHE B 112 -4.02 -19.45 19.79
C PHE B 112 -4.55 -19.41 18.34
N MET B 113 -5.86 -19.71 18.10
CA MET B 113 -6.50 -19.61 16.77
C MET B 113 -6.61 -18.15 16.29
N LYS B 114 -7.07 -17.24 17.18
CA LYS B 114 -7.13 -15.81 16.88
C LYS B 114 -5.68 -15.27 16.62
N THR B 115 -4.67 -15.77 17.40
CA THR B 115 -3.28 -15.35 17.27
C THR B 115 -2.70 -15.78 15.93
N GLN B 116 -3.01 -17.01 15.48
CA GLN B 116 -2.58 -17.57 14.18
C GLN B 116 -3.10 -16.74 13.04
N ARG B 117 -4.39 -16.34 13.11
CA ARG B 117 -5.03 -15.51 12.09
C ARG B 117 -4.39 -14.11 12.07
N PHE B 118 -4.11 -13.55 13.26
CA PHE B 118 -3.48 -12.23 13.39
C PHE B 118 -2.08 -12.18 12.73
N VAL B 119 -1.21 -13.11 13.12
CA VAL B 119 0.17 -13.27 12.70
C VAL B 119 0.26 -13.48 11.17
N SER B 120 -0.72 -14.23 10.56
CA SER B 120 -0.81 -14.43 9.11
C SER B 120 -1.16 -13.11 8.44
N ASN B 121 -2.10 -12.35 9.07
CA ASN B 121 -2.52 -11.03 8.58
C ASN B 121 -1.40 -10.01 8.71
N MET B 122 -0.36 -10.33 9.52
CA MET B 122 0.83 -9.51 9.72
C MET B 122 1.88 -9.82 8.65
N GLY B 123 1.70 -10.95 7.96
CA GLY B 123 2.57 -11.38 6.87
C GLY B 123 3.52 -12.52 7.19
N PHE B 124 3.22 -13.30 8.28
CA PHE B 124 4.05 -14.42 8.73
C PHE B 124 3.21 -15.68 8.93
N ASP B 125 3.57 -16.78 8.27
CA ASP B 125 2.79 -18.03 8.31
C ASP B 125 3.28 -19.04 9.33
N ILE B 126 2.33 -19.83 9.85
CA ILE B 126 2.56 -20.88 10.86
C ILE B 126 2.63 -22.27 10.16
N GLN B 127 2.03 -22.37 8.97
CA GLN B 127 2.02 -23.55 8.09
C GLN B 127 2.35 -23.21 6.62
N ASN C 10 -13.92 11.47 -6.59
CA ASN C 10 -13.32 11.42 -7.92
C ASN C 10 -14.27 10.75 -8.98
N LEU C 11 -14.12 9.42 -9.21
CA LEU C 11 -14.89 8.64 -10.18
C LEU C 11 -16.13 7.94 -9.59
N SER C 12 -17.08 7.59 -10.47
CA SER C 12 -18.31 6.88 -10.08
C SER C 12 -18.11 5.38 -10.30
N LYS C 13 -19.01 4.55 -9.76
CA LYS C 13 -18.95 3.10 -9.92
C LYS C 13 -19.14 2.72 -11.41
N SER C 14 -19.97 3.48 -12.14
CA SER C 14 -20.27 3.30 -13.57
C SER C 14 -18.98 3.51 -14.40
N SER C 15 -18.23 4.60 -14.12
CA SER C 15 -16.96 4.93 -14.77
C SER C 15 -15.88 3.92 -14.41
N TRP C 16 -15.79 3.54 -13.12
CA TRP C 16 -14.88 2.52 -12.60
C TRP C 16 -15.07 1.18 -13.35
N ARG C 17 -16.35 0.80 -13.56
CA ARG C 17 -16.74 -0.43 -14.26
C ARG C 17 -16.30 -0.41 -15.72
N GLN C 18 -16.46 0.74 -16.42
CA GLN C 18 -16.07 0.91 -17.83
C GLN C 18 -14.54 0.84 -18.04
N GLU C 19 -13.76 1.38 -17.07
CA GLU C 19 -12.29 1.36 -17.11
C GLU C 19 -11.76 -0.08 -16.93
N TRP C 20 -12.36 -0.83 -15.98
CA TRP C 20 -12.03 -2.23 -15.76
C TRP C 20 -12.40 -3.03 -17.01
N LEU C 21 -13.57 -2.75 -17.62
CA LEU C 21 -14.01 -3.48 -18.82
C LEU C 21 -13.01 -3.38 -19.97
N ALA C 22 -12.43 -2.18 -20.18
CA ALA C 22 -11.44 -1.88 -21.19
C ALA C 22 -10.12 -2.58 -20.87
N ASN C 23 -9.72 -2.61 -19.58
CA ASN C 23 -8.50 -3.30 -19.17
C ASN C 23 -8.59 -4.81 -19.26
N LEU C 24 -9.74 -5.37 -18.84
CA LEU C 24 -9.93 -6.84 -18.80
C LEU C 24 -9.85 -7.49 -20.17
N LYS C 25 -10.13 -6.71 -21.27
CA LYS C 25 -9.99 -7.15 -22.68
C LYS C 25 -8.51 -7.39 -23.06
N LEU C 26 -7.58 -6.76 -22.28
CA LEU C 26 -6.13 -6.79 -22.53
C LEU C 26 -5.36 -7.50 -21.41
N ILE C 27 -6.02 -8.41 -20.74
CA ILE C 27 -5.44 -9.10 -19.60
C ILE C 27 -5.56 -10.62 -19.70
N SER C 28 -4.59 -11.33 -19.13
CA SER C 28 -4.58 -12.79 -18.96
C SER C 28 -4.94 -13.07 -17.51
N VAL C 29 -5.79 -14.03 -17.32
CA VAL C 29 -6.23 -14.44 -16.01
C VAL C 29 -5.88 -15.90 -15.83
N SER C 30 -5.37 -16.26 -14.65
CA SER C 30 -5.04 -17.64 -14.33
C SER C 30 -5.77 -18.07 -13.06
N LEU C 31 -6.45 -19.21 -13.10
CA LEU C 31 -7.17 -19.76 -11.97
C LEU C 31 -6.38 -20.97 -11.46
N VAL C 32 -5.81 -20.86 -10.23
CA VAL C 32 -4.90 -21.90 -9.71
C VAL C 32 -5.57 -23.25 -9.40
N ASP C 33 -4.76 -24.31 -9.35
CA ASP C 33 -5.18 -25.67 -9.06
C ASP C 33 -5.15 -25.96 -7.55
N GLU C 34 -4.13 -25.44 -6.84
CA GLU C 34 -3.96 -25.70 -5.41
C GLU C 34 -5.01 -25.05 -4.54
N PHE C 35 -5.33 -25.74 -3.47
CA PHE C 35 -6.28 -25.36 -2.46
C PHE C 35 -5.57 -24.89 -1.21
N PRO C 36 -6.23 -24.03 -0.39
CA PRO C 36 -5.70 -23.73 0.95
C PRO C 36 -5.76 -25.01 1.82
N SER C 37 -5.12 -24.97 2.99
CA SER C 37 -5.00 -26.14 3.86
C SER C 37 -6.29 -26.55 4.58
N GLU C 38 -6.34 -27.85 4.95
CA GLU C 38 -7.31 -28.61 5.74
C GLU C 38 -8.79 -28.43 5.31
N LEU C 39 -9.10 -28.90 4.10
CA LEU C 39 -10.46 -28.87 3.51
C LEU C 39 -10.90 -30.32 3.22
N SER C 40 -12.23 -30.57 3.23
CA SER C 40 -12.85 -31.86 2.94
C SER C 40 -13.12 -31.98 1.41
N ASP C 41 -13.58 -33.17 0.95
CA ASP C 41 -13.94 -33.43 -0.44
C ASP C 41 -15.10 -32.54 -0.86
N SER C 42 -16.04 -32.33 0.08
CA SER C 42 -17.22 -31.48 -0.08
C SER C 42 -16.83 -30.01 -0.28
N ASP C 43 -15.93 -29.48 0.57
CA ASP C 43 -15.47 -28.10 0.51
C ASP C 43 -14.75 -27.83 -0.79
N ARG C 44 -13.92 -28.80 -1.24
CA ARG C 44 -13.18 -28.70 -2.49
C ARG C 44 -14.11 -28.68 -3.70
N GLN C 45 -15.16 -29.52 -3.68
CA GLN C 45 -16.14 -29.58 -4.77
C GLN C 45 -16.94 -28.25 -4.89
N ILE C 46 -17.31 -27.66 -3.73
CA ILE C 46 -18.05 -26.39 -3.68
C ILE C 46 -17.22 -25.25 -4.26
N ILE C 47 -15.93 -25.15 -3.87
CA ILE C 47 -14.98 -24.16 -4.37
C ILE C 47 -14.78 -24.34 -5.87
N ASN C 48 -14.54 -25.59 -6.33
CA ASN C 48 -14.33 -25.92 -7.74
C ASN C 48 -15.50 -25.50 -8.63
N GLU C 49 -16.75 -25.75 -8.21
CA GLU C 49 -17.95 -25.35 -8.95
C GLU C 49 -18.00 -23.80 -9.10
N LYS C 50 -17.66 -23.06 -8.02
CA LYS C 50 -17.58 -21.59 -8.03
C LYS C 50 -16.40 -21.09 -8.93
N MET C 51 -15.23 -21.77 -8.88
CA MET C 51 -14.06 -21.44 -9.72
C MET C 51 -14.39 -21.59 -11.21
N GLN C 52 -15.14 -22.65 -11.57
CA GLN C 52 -15.60 -22.91 -12.94
C GLN C 52 -16.50 -21.77 -13.46
N LEU C 53 -17.37 -21.22 -12.57
CA LEU C 53 -18.26 -20.11 -12.90
C LEU C 53 -17.47 -18.83 -13.11
N LEU C 54 -16.44 -18.60 -12.26
CA LEU C 54 -15.53 -17.48 -12.35
C LEU C 54 -14.72 -17.54 -13.65
N LYS C 55 -14.25 -18.74 -14.06
CA LYS C 55 -13.53 -18.92 -15.32
C LYS C 55 -14.39 -18.51 -16.54
N ASP C 56 -15.68 -18.92 -16.54
CA ASP C 56 -16.65 -18.57 -17.58
C ASP C 56 -16.95 -17.07 -17.63
N ILE C 57 -17.05 -16.41 -16.46
CA ILE C 57 -17.29 -14.97 -16.37
C ILE C 57 -16.11 -14.22 -16.99
N PHE C 58 -14.87 -14.58 -16.58
CA PHE C 58 -13.67 -13.93 -17.13
C PHE C 58 -13.54 -14.12 -18.64
N ALA C 59 -13.76 -15.35 -19.13
CA ALA C 59 -13.63 -15.66 -20.55
C ALA C 59 -14.75 -15.11 -21.41
N ASN C 60 -16.02 -15.30 -21.01
CA ASN C 60 -17.19 -14.90 -21.81
C ASN C 60 -17.76 -13.53 -21.55
N ASN C 61 -17.71 -13.05 -20.31
CA ASN C 61 -18.32 -11.77 -20.01
C ASN C 61 -17.34 -10.63 -19.94
N LEU C 62 -16.18 -10.86 -19.32
CA LEU C 62 -15.14 -9.85 -19.13
C LEU C 62 -14.16 -9.83 -20.28
N LYS C 63 -14.19 -10.91 -21.12
CA LYS C 63 -13.42 -11.09 -22.36
C LYS C 63 -11.89 -11.14 -22.13
N SER C 64 -11.46 -11.66 -20.97
CA SER C 64 -10.05 -11.84 -20.64
C SER C 64 -9.56 -13.16 -21.24
N ALA C 65 -8.22 -13.28 -21.45
CA ALA C 65 -7.63 -14.54 -21.93
C ALA C 65 -7.41 -15.46 -20.69
N ILE C 66 -7.72 -16.73 -20.81
CA ILE C 66 -7.49 -17.66 -19.71
C ILE C 66 -6.10 -18.23 -19.93
N SER C 67 -5.23 -18.11 -18.94
CA SER C 67 -3.87 -18.65 -19.01
C SER C 67 -3.76 -19.92 -18.16
N ASN C 68 -3.05 -20.93 -18.65
CA ASN C 68 -2.80 -22.17 -17.94
C ASN C 68 -1.55 -22.08 -17.06
N ASN C 69 -0.78 -20.99 -17.21
CA ASN C 69 0.43 -20.77 -16.44
C ASN C 69 0.23 -19.52 -15.59
N PHE C 70 0.15 -19.66 -14.27
CA PHE C 70 -0.01 -18.52 -13.36
C PHE C 70 1.17 -17.52 -13.38
N ARG C 71 2.36 -17.98 -13.84
CA ARG C 71 3.58 -17.18 -13.96
C ARG C 71 3.50 -16.34 -15.25
N GLU C 72 2.46 -16.56 -16.11
CA GLU C 72 2.23 -15.85 -17.39
C GLU C 72 0.82 -15.21 -17.39
N SER C 73 0.47 -14.45 -16.35
CA SER C 73 -0.85 -13.81 -16.26
C SER C 73 -0.79 -12.50 -15.47
N ASP C 74 -1.78 -11.63 -15.71
CA ASP C 74 -1.87 -10.33 -15.04
C ASP C 74 -2.55 -10.48 -13.70
N ILE C 75 -3.52 -11.41 -13.61
CA ILE C 75 -4.35 -11.69 -12.45
C ILE C 75 -4.37 -13.20 -12.15
N ILE C 76 -4.15 -13.54 -10.88
CA ILE C 76 -4.15 -14.91 -10.38
C ILE C 76 -5.29 -15.08 -9.40
N ILE C 77 -6.25 -15.96 -9.75
N ILE C 77 -6.23 -15.98 -9.74
CA ILE C 77 -7.41 -16.25 -8.89
CA ILE C 77 -7.41 -16.30 -8.92
C ILE C 77 -7.08 -17.46 -8.05
C ILE C 77 -7.06 -17.48 -8.05
N LEU C 78 -7.10 -17.29 -6.73
CA LEU C 78 -6.81 -18.34 -5.75
C LEU C 78 -8.10 -19.02 -5.31
N LYS C 79 -7.98 -20.22 -4.72
CA LYS C 79 -9.09 -21.02 -4.18
C LYS C 79 -9.37 -20.68 -2.71
N GLY C 80 -8.72 -19.63 -2.20
CA GLY C 80 -8.87 -19.14 -0.83
C GLY C 80 -7.99 -17.93 -0.62
N GLU C 81 -7.67 -17.63 0.65
CA GLU C 81 -6.77 -16.52 1.01
C GLU C 81 -5.34 -17.04 0.90
N ILE C 82 -4.37 -16.22 0.40
CA ILE C 82 -2.97 -16.62 0.25
C ILE C 82 -2.34 -17.08 1.60
N GLU C 83 -2.72 -16.43 2.72
CA GLU C 83 -2.22 -16.77 4.05
C GLU C 83 -2.64 -18.17 4.53
N ASP C 84 -3.69 -18.75 3.93
CA ASP C 84 -4.19 -20.10 4.26
C ASP C 84 -3.51 -21.21 3.44
N TYR C 85 -2.67 -20.81 2.46
CA TYR C 85 -1.95 -21.76 1.62
C TYR C 85 -0.70 -22.27 2.37
N PRO C 86 -0.36 -23.58 2.28
CA PRO C 86 0.87 -24.04 2.94
C PRO C 86 2.13 -23.51 2.24
N MET C 87 3.24 -23.40 2.99
CA MET C 87 4.53 -22.91 2.50
C MET C 87 5.09 -23.74 1.35
N SER C 88 4.78 -25.06 1.34
CA SER C 88 5.21 -26.01 0.31
C SER C 88 4.45 -25.88 -1.03
N SER C 89 3.29 -25.20 -1.05
CA SER C 89 2.53 -25.03 -2.29
C SER C 89 3.30 -24.15 -3.32
N GLU C 90 3.25 -24.53 -4.60
CA GLU C 90 3.87 -23.82 -5.73
C GLU C 90 3.44 -22.36 -5.83
N ILE C 91 2.15 -22.07 -5.59
CA ILE C 91 1.61 -20.72 -5.68
C ILE C 91 2.13 -19.84 -4.50
N LYS C 92 2.27 -20.40 -3.27
CA LYS C 92 2.77 -19.67 -2.11
C LYS C 92 4.28 -19.37 -2.25
N ILE C 93 5.04 -20.31 -2.86
CA ILE C 93 6.48 -20.20 -3.19
C ILE C 93 6.67 -19.02 -4.20
N TYR C 94 5.84 -18.95 -5.28
CA TYR C 94 5.83 -17.90 -6.31
C TYR C 94 5.46 -16.56 -5.70
N TYR C 95 4.38 -16.52 -4.89
CA TYR C 95 3.92 -15.33 -4.16
C TYR C 95 5.06 -14.78 -3.27
N ASN C 96 5.69 -15.66 -2.46
CA ASN C 96 6.79 -15.31 -1.57
C ASN C 96 8.04 -14.84 -2.32
N GLU C 97 8.32 -15.44 -3.51
CA GLU C 97 9.44 -15.01 -4.36
C GLU C 97 9.20 -13.59 -4.90
N LEU C 98 7.94 -13.25 -5.19
CA LEU C 98 7.58 -11.94 -5.71
C LEU C 98 7.58 -10.85 -4.62
N GLN C 99 7.37 -11.21 -3.33
CA GLN C 99 7.36 -10.28 -2.19
C GLN C 99 8.67 -9.48 -2.04
N ASN C 100 9.80 -10.15 -2.35
CA ASN C 100 11.14 -9.59 -2.28
C ASN C 100 11.58 -8.98 -3.64
N LYS C 101 10.59 -8.59 -4.48
CA LYS C 101 10.81 -7.99 -5.80
C LYS C 101 9.95 -6.73 -6.02
N PRO C 102 10.50 -5.63 -6.60
CA PRO C 102 9.69 -4.42 -6.83
C PRO C 102 8.67 -4.57 -7.96
N LYS C 105 7.28 -5.21 -11.57
CA LYS C 105 6.26 -5.75 -12.45
C LYS C 105 5.81 -7.12 -11.95
N LYS C 106 4.60 -7.16 -11.36
CA LYS C 106 4.06 -8.39 -10.81
C LYS C 106 2.56 -8.48 -10.97
N ALA C 107 2.12 -9.70 -11.02
CA ALA C 107 0.74 -10.11 -11.11
C ALA C 107 -0.03 -9.73 -9.82
N ARG C 108 -1.37 -9.58 -9.92
CA ARG C 108 -2.29 -9.41 -8.79
C ARG C 108 -2.72 -10.81 -8.31
N PHE C 109 -2.69 -11.02 -7.00
CA PHE C 109 -3.09 -12.31 -6.39
C PHE C 109 -4.39 -12.03 -5.70
N TRP C 110 -5.49 -12.57 -6.25
CA TRP C 110 -6.81 -12.37 -5.67
C TRP C 110 -7.35 -13.64 -5.09
N SER C 111 -7.85 -13.51 -3.86
CA SER C 111 -8.49 -14.61 -3.17
C SER C 111 -9.78 -14.92 -3.89
N PHE C 112 -10.26 -16.09 -3.60
CA PHE C 112 -11.51 -16.65 -4.06
C PHE C 112 -12.66 -15.66 -3.83
N MET C 113 -12.73 -15.13 -2.60
CA MET C 113 -13.75 -14.21 -2.10
C MET C 113 -13.66 -12.81 -2.70
N LYS C 114 -12.42 -12.26 -2.80
CA LYS C 114 -12.18 -10.96 -3.44
C LYS C 114 -12.62 -11.03 -4.94
N THR C 115 -12.35 -12.17 -5.64
CA THR C 115 -12.74 -12.35 -7.06
C THR C 115 -14.27 -12.38 -7.23
N GLN C 116 -14.98 -13.06 -6.31
CA GLN C 116 -16.44 -13.14 -6.30
C GLN C 116 -17.06 -11.76 -6.13
N ARG C 117 -16.51 -10.96 -5.18
CA ARG C 117 -16.96 -9.58 -4.92
C ARG C 117 -16.66 -8.67 -6.13
N PHE C 118 -15.50 -8.85 -6.78
CA PHE C 118 -15.09 -8.08 -7.96
C PHE C 118 -16.07 -8.28 -9.11
N VAL C 119 -16.33 -9.54 -9.43
CA VAL C 119 -17.18 -10.06 -10.50
C VAL C 119 -18.65 -9.57 -10.30
N SER C 120 -19.10 -9.51 -9.04
CA SER C 120 -20.42 -9.01 -8.65
C SER C 120 -20.46 -7.47 -8.83
N ASN C 121 -19.34 -6.77 -8.56
CA ASN C 121 -19.23 -5.32 -8.76
C ASN C 121 -19.16 -4.96 -10.22
N MET C 122 -18.81 -5.93 -11.07
CA MET C 122 -18.74 -5.77 -12.52
C MET C 122 -20.11 -6.02 -13.16
N GLY C 123 -21.08 -6.48 -12.35
CA GLY C 123 -22.44 -6.75 -12.80
C GLY C 123 -22.70 -8.20 -13.16
N PHE C 124 -21.85 -9.11 -12.68
CA PHE C 124 -21.94 -10.56 -12.93
C PHE C 124 -21.81 -11.32 -11.59
N ASP C 125 -22.79 -11.12 -10.70
CA ASP C 125 -22.86 -11.77 -9.37
C ASP C 125 -23.15 -13.26 -9.49
N ILE C 126 -22.45 -14.08 -8.68
CA ILE C 126 -22.62 -15.55 -8.61
C ILE C 126 -22.61 -16.05 -7.17
N SER D 12 23.36 -13.18 31.41
CA SER D 12 23.73 -14.20 30.44
C SER D 12 23.12 -15.55 30.83
N LYS D 13 23.43 -16.07 32.06
CA LYS D 13 22.78 -17.28 32.60
C LYS D 13 21.32 -16.87 32.97
N SER D 14 21.14 -15.59 33.39
CA SER D 14 19.83 -15.00 33.71
C SER D 14 18.93 -14.95 32.47
N SER D 15 19.48 -14.51 31.31
CA SER D 15 18.74 -14.47 30.02
C SER D 15 18.43 -15.89 29.53
N TRP D 16 19.42 -16.82 29.66
CA TRP D 16 19.31 -18.22 29.29
C TRP D 16 18.16 -18.90 30.07
N ARG D 17 18.07 -18.61 31.39
CA ARG D 17 17.04 -19.15 32.29
C ARG D 17 15.64 -18.63 31.90
N GLN D 18 15.54 -17.34 31.55
CA GLN D 18 14.26 -16.72 31.15
C GLN D 18 13.72 -17.29 29.84
N GLU D 19 14.61 -17.54 28.85
CA GLU D 19 14.29 -18.18 27.57
C GLU D 19 13.82 -19.63 27.79
N TRP D 20 14.48 -20.37 28.69
CA TRP D 20 14.07 -21.75 28.99
C TRP D 20 12.71 -21.80 29.66
N LEU D 21 12.47 -20.93 30.67
CA LEU D 21 11.20 -20.81 31.39
C LEU D 21 10.01 -20.50 30.48
N ALA D 22 10.20 -19.61 29.48
CA ALA D 22 9.19 -19.27 28.48
C ALA D 22 8.90 -20.49 27.61
N ASN D 23 9.93 -21.25 27.23
CA ASN D 23 9.77 -22.46 26.42
C ASN D 23 9.11 -23.60 27.15
N LEU D 24 9.47 -23.80 28.43
CA LEU D 24 8.95 -24.90 29.25
C LEU D 24 7.44 -24.83 29.47
N LYS D 25 6.86 -23.63 29.44
CA LYS D 25 5.43 -23.39 29.54
C LYS D 25 4.68 -23.94 28.29
N LEU D 26 5.41 -24.16 27.17
CA LEU D 26 4.88 -24.58 25.87
C LEU D 26 5.44 -25.93 25.44
N ILE D 27 5.88 -26.73 26.40
CA ILE D 27 6.50 -28.03 26.18
C ILE D 27 5.75 -29.15 26.90
N SER D 28 5.68 -30.32 26.25
CA SER D 28 5.17 -31.57 26.81
C SER D 28 6.43 -32.40 27.16
N VAL D 29 6.46 -32.93 28.38
CA VAL D 29 7.57 -33.71 28.91
C VAL D 29 7.05 -35.13 29.21
N SER D 30 7.84 -36.13 28.85
CA SER D 30 7.53 -37.53 29.08
C SER D 30 8.66 -38.21 29.83
N LEU D 31 8.32 -38.93 30.91
CA LEU D 31 9.28 -39.65 31.74
C LEU D 31 9.05 -41.15 31.49
N VAL D 32 10.03 -41.82 30.86
CA VAL D 32 9.91 -43.22 30.42
C VAL D 32 9.86 -44.23 31.58
N ASP D 33 9.25 -45.40 31.30
CA ASP D 33 9.12 -46.52 32.23
C ASP D 33 10.34 -47.44 32.21
N GLU D 34 10.88 -47.72 31.00
CA GLU D 34 12.00 -48.66 30.78
C GLU D 34 13.30 -48.21 31.42
N PHE D 35 14.00 -49.17 32.02
CA PHE D 35 15.34 -49.03 32.60
C PHE D 35 16.31 -49.54 31.50
N PRO D 36 17.50 -48.92 31.26
CA PRO D 36 18.37 -49.39 30.15
C PRO D 36 19.01 -50.76 30.38
N SER D 37 19.32 -51.08 31.62
CA SER D 37 19.93 -52.36 31.96
C SER D 37 19.35 -52.98 33.24
N GLU D 38 19.67 -54.25 33.50
CA GLU D 38 19.23 -54.95 34.71
C GLU D 38 19.95 -54.36 35.93
N LEU D 39 19.18 -53.95 36.92
CA LEU D 39 19.70 -53.31 38.12
C LEU D 39 19.11 -53.99 39.32
N SER D 40 19.65 -53.72 40.53
CA SER D 40 19.10 -54.24 41.77
C SER D 40 17.78 -53.48 42.10
N ASP D 41 16.98 -53.99 43.03
CA ASP D 41 15.73 -53.39 43.49
C ASP D 41 16.03 -52.03 44.14
N SER D 42 17.17 -51.94 44.84
CA SER D 42 17.66 -50.74 45.51
C SER D 42 18.02 -49.65 44.50
N ASP D 43 18.79 -50.03 43.45
CA ASP D 43 19.20 -49.09 42.39
C ASP D 43 18.01 -48.62 41.59
N ARG D 44 17.00 -49.51 41.36
CA ARG D 44 15.78 -49.18 40.62
C ARG D 44 14.91 -48.20 41.39
N GLN D 45 14.85 -48.36 42.74
CA GLN D 45 14.10 -47.49 43.64
C GLN D 45 14.73 -46.10 43.73
N ILE D 46 16.07 -46.00 43.74
CA ILE D 46 16.82 -44.74 43.78
C ILE D 46 16.54 -43.90 42.51
N ILE D 47 16.60 -44.53 41.31
CA ILE D 47 16.31 -43.87 40.03
C ILE D 47 14.84 -43.40 40.00
N ASN D 48 13.90 -44.29 40.38
CA ASN D 48 12.47 -44.00 40.40
C ASN D 48 12.12 -42.83 41.29
N GLU D 49 12.72 -42.73 42.50
CA GLU D 49 12.50 -41.62 43.43
C GLU D 49 12.96 -40.31 42.82
N LYS D 50 14.11 -40.32 42.11
CA LYS D 50 14.65 -39.15 41.42
C LYS D 50 13.74 -38.74 40.23
N MET D 51 13.22 -39.74 39.47
CA MET D 51 12.32 -39.52 38.34
C MET D 51 11.01 -38.86 38.82
N GLN D 52 10.47 -39.32 39.97
CA GLN D 52 9.25 -38.78 40.58
C GLN D 52 9.42 -37.29 40.96
N LEU D 53 10.61 -36.93 41.49
CA LEU D 53 10.94 -35.55 41.89
C LEU D 53 11.05 -34.66 40.67
N LEU D 54 11.65 -35.19 39.59
CA LEU D 54 11.79 -34.51 38.31
C LEU D 54 10.43 -34.27 37.68
N LYS D 55 9.49 -35.24 37.76
CA LYS D 55 8.12 -35.10 37.24
C LYS D 55 7.40 -33.92 37.94
N ASP D 56 7.55 -33.81 39.27
CA ASP D 56 6.96 -32.73 40.08
C ASP D 56 7.53 -31.37 39.74
N ILE D 57 8.86 -31.29 39.52
CA ILE D 57 9.53 -30.04 39.15
C ILE D 57 9.00 -29.56 37.78
N PHE D 58 8.97 -30.46 36.77
CA PHE D 58 8.45 -30.12 35.44
C PHE D 58 7.00 -29.66 35.46
N ALA D 59 6.13 -30.38 36.19
CA ALA D 59 4.70 -30.06 36.27
C ALA D 59 4.38 -28.82 37.11
N ASN D 60 4.95 -28.71 38.32
CA ASN D 60 4.64 -27.64 39.26
C ASN D 60 5.53 -26.41 39.19
N ASN D 61 6.83 -26.58 38.92
CA ASN D 61 7.73 -25.44 38.93
C ASN D 61 8.02 -24.88 37.57
N LEU D 62 8.25 -25.76 36.59
CA LEU D 62 8.59 -25.37 35.21
C LEU D 62 7.35 -25.17 34.36
N LYS D 63 6.20 -25.67 34.84
CA LYS D 63 4.86 -25.52 34.27
C LYS D 63 4.69 -26.21 32.89
N SER D 64 5.45 -27.30 32.66
CA SER D 64 5.33 -28.12 31.45
C SER D 64 4.15 -29.09 31.57
N ALA D 65 3.62 -29.59 30.43
CA ALA D 65 2.55 -30.59 30.43
C ALA D 65 3.21 -31.97 30.53
N ILE D 66 2.69 -32.86 31.40
CA ILE D 66 3.23 -34.20 31.52
C ILE D 66 2.49 -35.06 30.52
N SER D 67 3.23 -35.75 29.65
CA SER D 67 2.64 -36.62 28.65
C SER D 67 2.90 -38.08 29.00
N ASN D 68 1.91 -38.94 28.77
CA ASN D 68 2.01 -40.39 28.97
C ASN D 68 2.52 -41.10 27.73
N ASN D 69 2.58 -40.38 26.61
CA ASN D 69 3.04 -40.87 25.31
C ASN D 69 4.32 -40.12 24.96
N PHE D 70 5.47 -40.82 25.01
CA PHE D 70 6.78 -40.21 24.70
C PHE D 70 6.87 -39.72 23.25
N ARG D 71 5.99 -40.24 22.35
CA ARG D 71 5.90 -39.83 20.93
C ARG D 71 5.12 -38.53 20.77
N GLU D 72 4.52 -38.03 21.87
CA GLU D 72 3.76 -36.78 21.92
C GLU D 72 4.40 -35.84 22.98
N SER D 73 5.75 -35.69 22.91
N SER D 73 5.74 -35.66 22.88
CA SER D 73 6.54 -34.84 23.81
CA SER D 73 6.51 -34.81 23.80
C SER D 73 7.76 -34.21 23.14
C SER D 73 7.73 -34.18 23.11
N ASP D 74 8.18 -33.04 23.64
CA ASP D 74 9.34 -32.27 23.15
C ASP D 74 10.60 -32.70 23.92
N ILE D 75 10.43 -33.12 25.19
CA ILE D 75 11.50 -33.58 26.07
C ILE D 75 11.15 -34.93 26.67
N ILE D 76 12.08 -35.89 26.54
CA ILE D 76 11.93 -37.25 27.04
C ILE D 76 13.01 -37.46 28.10
N ILE D 77 12.58 -37.74 29.34
CA ILE D 77 13.47 -38.01 30.48
C ILE D 77 13.63 -39.51 30.61
N LEU D 78 14.88 -39.97 30.53
CA LEU D 78 15.26 -41.38 30.57
C LEU D 78 15.85 -41.85 31.89
N LYS D 79 15.78 -43.16 32.12
CA LYS D 79 16.29 -43.77 33.35
C LYS D 79 17.78 -44.15 33.25
N GLY D 80 18.41 -43.69 32.19
CA GLY D 80 19.82 -43.85 31.84
C GLY D 80 20.07 -43.11 30.55
N GLU D 81 21.23 -43.31 29.96
CA GLU D 81 21.60 -42.70 28.67
C GLU D 81 20.89 -43.49 27.56
N ILE D 82 20.46 -42.81 26.46
CA ILE D 82 19.75 -43.49 25.36
C ILE D 82 20.60 -44.60 24.71
N GLU D 83 21.94 -44.41 24.62
CA GLU D 83 22.88 -45.37 24.05
C GLU D 83 22.99 -46.65 24.85
N ASP D 84 22.59 -46.63 26.14
CA ASP D 84 22.64 -47.81 27.03
C ASP D 84 21.35 -48.65 26.96
N TYR D 85 20.32 -48.16 26.24
CA TYR D 85 19.06 -48.87 26.07
C TYR D 85 19.20 -49.96 25.00
N PRO D 86 18.62 -51.18 25.20
CA PRO D 86 18.73 -52.22 24.15
C PRO D 86 17.93 -51.83 22.90
N MET D 87 18.32 -52.40 21.74
CA MET D 87 17.71 -52.17 20.44
C MET D 87 16.22 -52.52 20.41
N SER D 88 15.82 -53.54 21.21
CA SER D 88 14.45 -54.02 21.32
C SER D 88 13.54 -53.13 22.17
N SER D 89 14.11 -52.22 22.99
CA SER D 89 13.31 -51.32 23.83
C SER D 89 12.55 -50.29 22.98
N GLU D 90 11.29 -50.04 23.35
CA GLU D 90 10.38 -49.14 22.66
C GLU D 90 10.92 -47.73 22.46
N ILE D 91 11.59 -47.18 23.52
CA ILE D 91 12.20 -45.85 23.52
C ILE D 91 13.39 -45.78 22.53
N LYS D 92 14.19 -46.86 22.42
CA LYS D 92 15.33 -46.93 21.50
C LYS D 92 14.89 -47.06 20.04
N ILE D 93 13.81 -47.83 19.78
CA ILE D 93 13.23 -47.99 18.44
C ILE D 93 12.82 -46.61 17.94
N TYR D 94 12.12 -45.83 18.79
CA TYR D 94 11.68 -44.48 18.51
C TYR D 94 12.85 -43.52 18.26
N TYR D 95 13.86 -43.55 19.15
CA TYR D 95 15.06 -42.74 18.99
C TYR D 95 15.69 -43.01 17.61
N ASN D 96 15.85 -44.30 17.23
CA ASN D 96 16.41 -44.74 15.94
C ASN D 96 15.56 -44.31 14.73
N GLU D 97 14.23 -44.30 14.89
CA GLU D 97 13.30 -43.85 13.86
C GLU D 97 13.44 -42.35 13.62
N LEU D 98 13.77 -41.60 14.67
CA LEU D 98 13.99 -40.15 14.59
C LEU D 98 15.33 -39.82 13.92
N GLN D 99 16.36 -40.68 14.13
CA GLN D 99 17.69 -40.52 13.54
C GLN D 99 17.65 -40.64 12.03
N ASN D 100 16.70 -41.42 11.51
CA ASN D 100 16.49 -41.63 10.08
C ASN D 100 15.86 -40.39 9.44
N LYS D 101 14.97 -39.69 10.17
CA LYS D 101 14.27 -38.48 9.71
C LYS D 101 14.72 -37.24 10.50
N LYS D 106 11.88 -34.00 16.25
CA LYS D 106 13.00 -33.25 16.82
C LYS D 106 12.95 -33.19 18.40
N ALA D 107 12.65 -34.31 19.09
CA ALA D 107 12.57 -34.39 20.56
C ALA D 107 13.93 -34.51 21.21
N ARG D 108 14.06 -34.01 22.44
CA ARG D 108 15.30 -34.14 23.21
C ARG D 108 15.20 -35.37 24.10
N PHE D 109 16.25 -36.19 24.13
CA PHE D 109 16.35 -37.42 24.91
C PHE D 109 17.40 -37.17 26.01
N TRP D 110 16.95 -36.87 27.23
CA TRP D 110 17.86 -36.54 28.34
C TRP D 110 17.85 -37.65 29.39
N SER D 111 19.03 -38.05 29.93
CA SER D 111 19.07 -39.03 31.03
C SER D 111 18.62 -38.27 32.29
N PHE D 112 18.32 -39.00 33.38
CA PHE D 112 17.92 -38.38 34.64
C PHE D 112 19.05 -37.54 35.24
N MET D 113 20.30 -37.94 35.00
CA MET D 113 21.49 -37.25 35.49
C MET D 113 21.68 -35.86 34.83
N LYS D 114 21.43 -35.77 33.51
CA LYS D 114 21.54 -34.54 32.75
C LYS D 114 20.36 -33.62 33.14
N THR D 115 19.17 -34.23 33.29
CA THR D 115 17.94 -33.56 33.69
C THR D 115 18.09 -32.93 35.07
N GLN D 116 18.76 -33.63 36.01
CA GLN D 116 19.01 -33.14 37.37
C GLN D 116 19.85 -31.87 37.35
N ARG D 117 20.91 -31.86 36.51
CA ARG D 117 21.80 -30.71 36.34
C ARG D 117 21.04 -29.54 35.71
N PHE D 118 20.16 -29.83 34.71
CA PHE D 118 19.38 -28.82 34.02
C PHE D 118 18.43 -28.08 34.98
N VAL D 119 17.64 -28.85 35.72
CA VAL D 119 16.64 -28.44 36.70
C VAL D 119 17.31 -27.61 37.83
N SER D 120 18.52 -28.00 38.26
CA SER D 120 19.33 -27.29 39.25
C SER D 120 19.79 -25.93 38.68
N ASN D 121 20.21 -25.90 37.39
CA ASN D 121 20.60 -24.67 36.68
C ASN D 121 19.42 -23.72 36.46
N MET D 122 18.20 -24.28 36.41
CA MET D 122 16.91 -23.60 36.28
C MET D 122 16.43 -22.99 37.61
N GLY D 123 17.06 -23.39 38.72
CA GLY D 123 16.78 -22.90 40.06
C GLY D 123 15.96 -23.84 40.95
N PHE D 124 15.95 -25.13 40.65
CA PHE D 124 15.17 -26.12 41.40
C PHE D 124 15.97 -27.37 41.74
N ASP D 125 16.92 -27.33 42.68
CA ASP D 125 17.70 -28.54 42.99
C ASP D 125 16.80 -29.75 43.42
N ILE D 126 17.20 -30.96 43.03
CA ILE D 126 16.46 -32.21 43.29
C ILE D 126 16.67 -32.73 44.74
N SER E 12 7.54 38.93 -19.33
CA SER E 12 8.93 38.74 -18.92
C SER E 12 9.00 37.97 -17.60
N LYS E 13 9.79 36.87 -17.61
CA LYS E 13 10.03 35.98 -16.46
C LYS E 13 10.83 36.69 -15.37
N SER E 14 11.74 37.60 -15.77
CA SER E 14 12.58 38.39 -14.87
C SER E 14 11.72 39.34 -14.03
N SER E 15 10.74 40.03 -14.68
CA SER E 15 9.79 40.95 -14.06
C SER E 15 8.86 40.18 -13.11
N TRP E 16 8.38 38.99 -13.57
CA TRP E 16 7.51 38.07 -12.81
C TRP E 16 8.19 37.63 -11.52
N ARG E 17 9.49 37.30 -11.59
CA ARG E 17 10.31 36.84 -10.44
C ARG E 17 10.48 37.98 -9.42
N GLN E 18 10.71 39.23 -9.89
CA GLN E 18 10.88 40.40 -9.01
C GLN E 18 9.60 40.73 -8.26
N GLU E 19 8.43 40.63 -8.93
CA GLU E 19 7.11 40.85 -8.32
C GLU E 19 6.81 39.77 -7.26
N TRP E 20 7.21 38.52 -7.51
CA TRP E 20 7.01 37.44 -6.54
C TRP E 20 7.86 37.65 -5.32
N LEU E 21 9.15 37.98 -5.49
CA LEU E 21 10.12 38.25 -4.43
C LEU E 21 9.66 39.36 -3.48
N ALA E 22 9.08 40.46 -4.03
CA ALA E 22 8.54 41.58 -3.25
C ALA E 22 7.32 41.11 -2.43
N ASN E 23 6.47 40.26 -3.02
CA ASN E 23 5.32 39.69 -2.33
C ASN E 23 5.69 38.69 -1.24
N LEU E 24 6.68 37.80 -1.52
CA LEU E 24 7.10 36.75 -0.61
C LEU E 24 7.67 37.29 0.71
N LYS E 25 8.19 38.51 0.72
CA LYS E 25 8.68 39.22 1.91
C LYS E 25 7.51 39.56 2.86
N LEU E 26 6.27 39.61 2.33
CA LEU E 26 5.04 39.98 3.03
C LEU E 26 4.05 38.82 3.17
N ILE E 27 4.54 37.60 3.04
CA ILE E 27 3.77 36.36 3.10
C ILE E 27 4.21 35.42 4.23
N SER E 28 3.25 34.72 4.84
CA SER E 28 3.41 33.64 5.83
C SER E 28 3.15 32.36 5.04
N VAL E 29 4.06 31.40 5.17
CA VAL E 29 4.01 30.11 4.48
C VAL E 29 3.90 29.04 5.55
N SER E 30 3.06 28.04 5.28
CA SER E 30 2.87 26.91 6.18
C SER E 30 3.08 25.62 5.41
N LEU E 31 3.93 24.74 5.94
CA LEU E 31 4.26 23.44 5.36
C LEU E 31 3.52 22.39 6.20
N VAL E 32 2.48 21.73 5.62
CA VAL E 32 1.62 20.79 6.38
C VAL E 32 2.32 19.51 6.82
N ASP E 33 1.80 18.91 7.88
CA ASP E 33 2.27 17.66 8.48
C ASP E 33 1.68 16.43 7.78
N GLU E 34 0.37 16.46 7.44
CA GLU E 34 -0.32 15.33 6.84
C GLU E 34 0.14 14.97 5.44
N PHE E 35 0.15 13.67 5.18
CA PHE E 35 0.49 13.08 3.91
C PHE E 35 -0.78 12.68 3.17
N PRO E 36 -0.76 12.67 1.80
CA PRO E 36 -1.89 12.09 1.07
C PRO E 36 -1.93 10.57 1.35
N SER E 37 -3.03 9.92 0.95
CA SER E 37 -3.27 8.50 1.16
C SER E 37 -2.18 7.54 0.60
N GLU E 38 -1.96 6.42 1.36
CA GLU E 38 -1.15 5.20 1.11
C GLU E 38 0.33 5.35 0.65
N LEU E 39 1.29 5.63 1.58
CA LEU E 39 2.69 5.69 1.19
C LEU E 39 3.54 4.80 2.06
N SER E 40 4.70 4.40 1.55
CA SER E 40 5.63 3.59 2.33
C SER E 40 6.46 4.55 3.24
N ASP E 41 7.25 3.97 4.17
CA ASP E 41 8.15 4.73 5.05
C ASP E 41 9.22 5.45 4.23
N SER E 42 9.67 4.80 3.14
CA SER E 42 10.65 5.30 2.18
C SER E 42 10.12 6.53 1.43
N ASP E 43 8.87 6.46 0.91
CA ASP E 43 8.21 7.54 0.18
C ASP E 43 8.00 8.74 1.07
N ARG E 44 7.58 8.51 2.34
CA ARG E 44 7.36 9.57 3.31
C ARG E 44 8.67 10.27 3.68
N GLN E 45 9.77 9.51 3.83
CA GLN E 45 11.09 10.06 4.13
C GLN E 45 11.62 10.95 2.99
N ILE E 46 11.39 10.53 1.73
CA ILE E 46 11.80 11.26 0.53
C ILE E 46 11.05 12.61 0.45
N ILE E 47 9.73 12.62 0.67
CA ILE E 47 8.91 13.82 0.67
C ILE E 47 9.35 14.74 1.80
N ASN E 48 9.53 14.20 3.03
CA ASN E 48 9.95 14.98 4.20
C ASN E 48 11.28 15.71 3.99
N GLU E 49 12.28 15.03 3.37
CA GLU E 49 13.59 15.63 3.05
C GLU E 49 13.44 16.79 2.08
N LYS E 50 12.53 16.65 1.07
CA LYS E 50 12.23 17.67 0.08
C LYS E 50 11.47 18.85 0.73
N MET E 51 10.53 18.56 1.65
CA MET E 51 9.76 19.56 2.40
C MET E 51 10.68 20.42 3.25
N GLN E 52 11.68 19.79 3.91
CA GLN E 52 12.66 20.48 4.75
C GLN E 52 13.51 21.47 3.93
N LEU E 53 13.86 21.09 2.67
CA LEU E 53 14.61 21.94 1.75
C LEU E 53 13.75 23.11 1.29
N LEU E 54 12.45 22.86 1.03
CA LEU E 54 11.48 23.87 0.62
C LEU E 54 11.25 24.86 1.76
N LYS E 55 11.19 24.38 3.03
CA LYS E 55 11.05 25.25 4.21
C LYS E 55 12.23 26.24 4.30
N ASP E 56 13.48 25.75 4.07
CA ASP E 56 14.71 26.56 4.08
C ASP E 56 14.73 27.58 2.96
N ILE E 57 14.29 27.22 1.74
CA ILE E 57 14.19 28.13 0.60
C ILE E 57 13.22 29.28 0.93
N PHE E 58 12.00 28.95 1.40
CA PHE E 58 11.02 29.97 1.78
C PHE E 58 11.52 30.91 2.90
N ALA E 59 12.11 30.35 3.96
CA ALA E 59 12.62 31.14 5.09
C ALA E 59 13.88 31.95 4.77
N ASN E 60 14.90 31.31 4.16
CA ASN E 60 16.19 31.96 3.93
C ASN E 60 16.36 32.66 2.59
N ASN E 61 15.76 32.14 1.50
CA ASN E 61 15.97 32.74 0.17
C ASN E 61 14.85 33.62 -0.27
N LEU E 62 13.60 33.20 -0.01
CA LEU E 62 12.42 33.95 -0.41
C LEU E 62 12.00 34.95 0.68
N LYS E 63 12.55 34.79 1.89
CA LYS E 63 12.36 35.68 3.05
C LYS E 63 10.91 35.75 3.59
N SER E 64 10.16 34.64 3.41
CA SER E 64 8.78 34.51 3.92
C SER E 64 8.83 34.09 5.39
N ALA E 65 7.75 34.36 6.15
CA ALA E 65 7.64 33.93 7.55
C ALA E 65 7.12 32.49 7.55
N ILE E 66 7.71 31.61 8.37
CA ILE E 66 7.22 30.24 8.43
C ILE E 66 6.18 30.24 9.54
N SER E 67 4.96 29.78 9.21
CA SER E 67 3.90 29.67 10.19
C SER E 67 3.65 28.22 10.58
N ASN E 68 3.40 28.01 11.87
CA ASN E 68 3.11 26.71 12.46
C ASN E 68 1.60 26.36 12.35
N ASN E 69 0.78 27.34 11.97
CA ASN E 69 -0.65 27.19 11.84
C ASN E 69 -1.02 27.47 10.41
N PHE E 70 -1.46 26.44 9.66
CA PHE E 70 -1.86 26.60 8.27
C PHE E 70 -3.05 27.56 8.06
N ARG E 71 -3.87 27.78 9.12
CA ARG E 71 -5.03 28.69 9.12
C ARG E 71 -4.55 30.15 9.29
N GLU E 72 -3.25 30.35 9.61
CA GLU E 72 -2.60 31.67 9.77
C GLU E 72 -1.45 31.84 8.70
N SER E 73 -1.76 31.57 7.42
N SER E 73 -1.76 31.60 7.42
CA SER E 73 -0.81 31.65 6.31
CA SER E 73 -0.80 31.70 6.33
C SER E 73 -1.47 32.04 5.00
C SER E 73 -1.48 32.07 5.01
N ASP E 74 -0.69 32.65 4.09
CA ASP E 74 -1.14 33.06 2.75
C ASP E 74 -0.93 31.90 1.76
N ILE E 75 0.13 31.09 1.99
CA ILE E 75 0.49 29.95 1.15
C ILE E 75 0.66 28.68 2.01
N ILE E 76 0.00 27.61 1.58
CA ILE E 76 0.03 26.31 2.25
C ILE E 76 0.70 25.32 1.31
N ILE E 77 1.84 24.74 1.74
N ILE E 77 1.82 24.72 1.77
CA ILE E 77 2.57 23.73 0.96
CA ILE E 77 2.59 23.72 1.01
C ILE E 77 2.13 22.36 1.44
C ILE E 77 2.13 22.34 1.46
N LEU E 78 1.60 21.56 0.51
CA LEU E 78 1.11 20.22 0.76
C LEU E 78 2.18 19.18 0.45
N LYS E 79 2.02 17.95 0.99
CA LYS E 79 2.92 16.82 0.76
C LYS E 79 2.47 15.98 -0.47
N GLY E 80 1.52 16.51 -1.24
CA GLY E 80 0.96 15.90 -2.44
C GLY E 80 -0.13 16.77 -3.03
N GLU E 81 -1.01 16.19 -3.87
CA GLU E 81 -2.15 16.91 -4.46
C GLU E 81 -3.28 16.90 -3.45
N ILE E 82 -4.07 17.99 -3.34
CA ILE E 82 -5.18 18.11 -2.40
C ILE E 82 -6.23 17.02 -2.60
N GLU E 83 -6.50 16.62 -3.86
CA GLU E 83 -7.47 15.58 -4.20
C GLU E 83 -7.08 14.20 -3.67
N ASP E 84 -5.78 13.98 -3.37
CA ASP E 84 -5.25 12.71 -2.83
C ASP E 84 -5.31 12.66 -1.29
N TYR E 85 -5.71 13.76 -0.64
CA TYR E 85 -5.86 13.82 0.81
C TYR E 85 -7.23 13.25 1.21
N PRO E 86 -7.32 12.42 2.27
CA PRO E 86 -8.66 11.92 2.67
C PRO E 86 -9.55 13.03 3.23
N MET E 87 -10.87 12.84 3.15
CA MET E 87 -11.89 13.79 3.63
C MET E 87 -11.76 14.10 5.13
N SER E 88 -11.28 13.11 5.92
CA SER E 88 -11.09 13.19 7.36
C SER E 88 -9.86 13.98 7.78
N SER E 89 -8.90 14.22 6.83
CA SER E 89 -7.69 15.00 7.13
C SER E 89 -8.03 16.47 7.41
N GLU E 90 -7.39 17.05 8.44
CA GLU E 90 -7.57 18.44 8.89
C GLU E 90 -7.36 19.47 7.79
N ILE E 91 -6.34 19.25 6.91
CA ILE E 91 -6.04 20.17 5.82
C ILE E 91 -7.13 20.12 4.71
N LYS E 92 -7.69 18.91 4.43
CA LYS E 92 -8.75 18.75 3.45
C LYS E 92 -10.07 19.38 3.96
N ILE E 93 -10.36 19.25 5.28
CA ILE E 93 -11.52 19.87 5.92
C ILE E 93 -11.44 21.40 5.74
N TYR E 94 -10.29 21.99 6.08
CA TYR E 94 -10.03 23.42 5.94
C TYR E 94 -10.13 23.88 4.48
N TYR E 95 -9.55 23.10 3.55
CA TYR E 95 -9.62 23.34 2.11
C TYR E 95 -11.11 23.41 1.67
N ASN E 96 -11.91 22.41 2.07
CA ASN E 96 -13.34 22.33 1.75
C ASN E 96 -14.15 23.50 2.35
N GLU E 97 -13.85 23.88 3.61
CA GLU E 97 -14.46 24.99 4.35
C GLU E 97 -14.30 26.33 3.62
N LEU E 98 -13.16 26.57 2.95
CA LEU E 98 -12.99 27.85 2.26
C LEU E 98 -13.33 27.78 0.74
N GLN E 99 -13.96 26.66 0.28
CA GLN E 99 -14.39 26.54 -1.13
C GLN E 99 -15.65 27.40 -1.43
N ASN E 100 -15.83 28.50 -0.68
CA ASN E 100 -16.94 29.45 -0.79
C ASN E 100 -16.46 30.91 -0.68
N LYS E 101 -15.29 31.17 -0.06
CA LYS E 101 -14.72 32.51 0.11
C LYS E 101 -14.42 33.23 -1.20
N LYS E 105 -10.23 37.30 1.68
CA LYS E 105 -9.66 36.29 0.80
C LYS E 105 -9.26 35.00 1.56
N LYS E 106 -8.73 34.02 0.81
CA LYS E 106 -8.28 32.72 1.31
C LYS E 106 -6.83 32.43 0.89
N ALA E 107 -6.20 31.45 1.57
CA ALA E 107 -4.84 31.01 1.30
C ALA E 107 -4.76 30.27 -0.03
N ARG E 108 -3.55 30.21 -0.63
CA ARG E 108 -3.25 29.38 -1.79
C ARG E 108 -2.82 27.99 -1.24
N PHE E 109 -3.39 26.91 -1.78
CA PHE E 109 -3.03 25.54 -1.42
C PHE E 109 -2.19 25.03 -2.57
N TRP E 110 -0.88 24.89 -2.34
CA TRP E 110 0.04 24.40 -3.35
C TRP E 110 0.50 22.99 -3.06
N SER E 111 0.39 22.14 -4.08
CA SER E 111 0.88 20.79 -4.01
C SER E 111 2.37 20.81 -3.92
N PHE E 112 2.89 19.70 -3.42
CA PHE E 112 4.29 19.41 -3.31
C PHE E 112 5.04 19.68 -4.66
N MET E 113 4.47 19.20 -5.77
CA MET E 113 5.03 19.32 -7.12
C MET E 113 4.97 20.73 -7.67
N LYS E 114 3.84 21.43 -7.48
CA LYS E 114 3.67 22.83 -7.88
C LYS E 114 4.69 23.72 -7.14
N THR E 115 4.94 23.45 -5.83
CA THR E 115 5.91 24.23 -5.03
C THR E 115 7.34 24.06 -5.53
N GLN E 116 7.72 22.81 -5.90
CA GLN E 116 9.03 22.47 -6.44
C GLN E 116 9.27 23.20 -7.76
N ARG E 117 8.25 23.21 -8.65
CA ARG E 117 8.31 23.90 -9.95
C ARG E 117 8.41 25.43 -9.75
N PHE E 118 7.65 25.97 -8.75
CA PHE E 118 7.65 27.40 -8.45
C PHE E 118 9.03 27.89 -8.03
N VAL E 119 9.61 27.19 -7.05
CA VAL E 119 10.90 27.44 -6.42
C VAL E 119 12.04 27.35 -7.44
N SER E 120 11.93 26.39 -8.38
CA SER E 120 12.86 26.21 -9.49
C SER E 120 12.75 27.40 -10.46
N ASN E 121 11.52 27.92 -10.68
CA ASN E 121 11.28 29.11 -11.52
C ASN E 121 11.75 30.40 -10.84
N MET E 122 11.96 30.37 -9.51
CA MET E 122 12.53 31.49 -8.77
C MET E 122 14.08 31.38 -8.83
N GLY E 123 14.56 30.30 -9.45
CA GLY E 123 15.99 30.02 -9.63
C GLY E 123 16.60 29.12 -8.57
N PHE E 124 15.84 28.77 -7.51
CA PHE E 124 16.33 27.95 -6.40
C PHE E 124 16.05 26.48 -6.69
N ASP E 125 16.78 25.94 -7.69
CA ASP E 125 16.67 24.56 -8.17
C ASP E 125 16.79 23.51 -7.06
N ILE E 126 15.70 22.76 -6.86
CA ILE E 126 15.62 21.74 -5.82
C ILE E 126 15.62 20.34 -6.48
N GLN E 127 16.85 19.81 -6.71
CA GLN E 127 17.16 18.54 -7.38
C GLN E 127 16.55 18.48 -8.80
N LEU F 11 1.80 16.70 -45.31
CA LEU F 11 2.72 16.96 -46.42
C LEU F 11 4.14 17.29 -45.92
N SER F 12 4.24 18.16 -44.87
CA SER F 12 5.52 18.60 -44.28
C SER F 12 6.09 17.70 -43.14
N LYS F 13 5.46 16.50 -42.89
CA LYS F 13 5.77 15.45 -41.89
C LYS F 13 5.54 15.88 -40.43
N SER F 14 6.18 16.99 -40.02
CA SER F 14 6.00 17.67 -38.73
C SER F 14 4.55 18.20 -38.74
N SER F 15 4.08 18.68 -39.93
CA SER F 15 2.72 19.14 -40.22
C SER F 15 1.74 17.95 -40.09
N TRP F 16 2.13 16.77 -40.62
CA TRP F 16 1.38 15.51 -40.56
C TRP F 16 1.13 15.08 -39.09
N ARG F 17 2.17 15.21 -38.23
CA ARG F 17 2.11 14.87 -36.80
C ARG F 17 1.15 15.80 -36.07
N GLN F 18 1.20 17.12 -36.38
CA GLN F 18 0.33 18.12 -35.75
C GLN F 18 -1.14 17.93 -36.11
N GLU F 19 -1.42 17.55 -37.38
CA GLU F 19 -2.76 17.27 -37.87
C GLU F 19 -3.33 16.01 -37.20
N TRP F 20 -2.49 14.99 -36.98
CA TRP F 20 -2.92 13.77 -36.29
C TRP F 20 -3.24 14.06 -34.84
N LEU F 21 -2.36 14.79 -34.13
CA LEU F 21 -2.53 15.18 -32.73
C LEU F 21 -3.84 15.94 -32.47
N ALA F 22 -4.20 16.89 -33.38
CA ALA F 22 -5.44 17.66 -33.30
C ALA F 22 -6.64 16.74 -33.50
N ASN F 23 -6.54 15.78 -34.43
CA ASN F 23 -7.60 14.79 -34.67
C ASN F 23 -7.79 13.81 -33.54
N LEU F 24 -6.67 13.33 -32.94
CA LEU F 24 -6.69 12.33 -31.87
C LEU F 24 -7.41 12.81 -30.61
N LYS F 25 -7.44 14.14 -30.38
CA LYS F 25 -8.18 14.78 -29.28
C LYS F 25 -9.71 14.62 -29.47
N LEU F 26 -10.16 14.36 -30.72
CA LEU F 26 -11.58 14.25 -31.12
C LEU F 26 -11.94 12.84 -31.63
N ILE F 27 -11.17 11.84 -31.20
CA ILE F 27 -11.32 10.45 -31.62
C ILE F 27 -11.56 9.51 -30.45
N SER F 28 -12.39 8.47 -30.67
CA SER F 28 -12.65 7.36 -29.76
C SER F 28 -11.87 6.17 -30.32
N VAL F 29 -11.08 5.52 -29.48
CA VAL F 29 -10.21 4.40 -29.81
C VAL F 29 -10.68 3.18 -29.05
N SER F 30 -10.73 2.03 -29.73
CA SER F 30 -11.12 0.77 -29.11
C SER F 30 -10.02 -0.29 -29.31
N LEU F 31 -9.63 -0.96 -28.22
CA LEU F 31 -8.59 -2.00 -28.27
C LEU F 31 -9.29 -3.34 -28.03
N VAL F 32 -9.31 -4.20 -29.08
CA VAL F 32 -10.08 -5.47 -29.08
C VAL F 32 -9.53 -6.54 -28.10
N ASP F 33 -10.43 -7.44 -27.68
CA ASP F 33 -10.13 -8.55 -26.77
C ASP F 33 -9.63 -9.78 -27.52
N GLU F 34 -10.20 -10.08 -28.69
CA GLU F 34 -9.89 -11.28 -29.46
C GLU F 34 -8.49 -11.29 -30.04
N PHE F 35 -7.88 -12.48 -30.00
CA PHE F 35 -6.57 -12.80 -30.56
C PHE F 35 -6.79 -13.40 -31.95
N PRO F 36 -5.93 -13.07 -32.95
CA PRO F 36 -6.17 -13.60 -34.31
C PRO F 36 -6.19 -15.12 -34.41
N SER F 37 -5.17 -15.78 -33.85
CA SER F 37 -5.07 -17.23 -33.95
C SER F 37 -4.69 -17.86 -32.62
N GLU F 38 -4.44 -19.19 -32.66
CA GLU F 38 -3.99 -19.95 -31.50
C GLU F 38 -2.51 -19.67 -31.23
N LEU F 39 -2.27 -19.15 -30.05
CA LEU F 39 -0.96 -18.73 -29.55
C LEU F 39 -0.77 -19.37 -28.21
N SER F 40 0.45 -19.33 -27.70
CA SER F 40 0.74 -19.87 -26.38
C SER F 40 0.33 -18.81 -25.33
N ASP F 41 0.33 -19.18 -24.03
CA ASP F 41 0.04 -18.27 -22.91
C ASP F 41 1.08 -17.16 -22.86
N SER F 42 2.35 -17.50 -23.19
CA SER F 42 3.50 -16.58 -23.28
C SER F 42 3.30 -15.53 -24.38
N ASP F 43 2.93 -15.97 -25.60
CA ASP F 43 2.68 -15.08 -26.75
C ASP F 43 1.53 -14.13 -26.49
N ARG F 44 0.45 -14.64 -25.85
CA ARG F 44 -0.72 -13.82 -25.50
C ARG F 44 -0.36 -12.78 -24.44
N GLN F 45 0.46 -13.14 -23.43
CA GLN F 45 0.91 -12.23 -22.38
C GLN F 45 1.78 -11.09 -22.95
N ILE F 46 2.67 -11.41 -23.92
CA ILE F 46 3.54 -10.45 -24.61
C ILE F 46 2.71 -9.42 -25.42
N ILE F 47 1.70 -9.90 -26.19
CA ILE F 47 0.78 -9.04 -26.94
C ILE F 47 -0.04 -8.15 -25.99
N ASN F 48 -0.64 -8.73 -24.91
CA ASN F 48 -1.44 -7.96 -23.94
C ASN F 48 -0.65 -6.87 -23.26
N GLU F 49 0.61 -7.13 -22.88
CA GLU F 49 1.46 -6.12 -22.25
C GLU F 49 1.71 -4.95 -23.20
N LYS F 50 1.92 -5.23 -24.50
CA LYS F 50 2.07 -4.23 -25.54
C LYS F 50 0.74 -3.46 -25.75
N MET F 51 -0.41 -4.17 -25.71
CA MET F 51 -1.74 -3.58 -25.88
C MET F 51 -2.02 -2.62 -24.77
N GLN F 52 -1.67 -2.99 -23.52
CA GLN F 52 -1.86 -2.17 -22.32
C GLN F 52 -1.09 -0.85 -22.42
N LEU F 53 0.14 -0.89 -22.98
CA LEU F 53 1.01 0.27 -23.19
C LEU F 53 0.41 1.19 -24.25
N LEU F 54 -0.16 0.59 -25.30
CA LEU F 54 -0.85 1.31 -26.38
C LEU F 54 -2.09 2.02 -25.85
N LYS F 55 -2.87 1.38 -24.95
CA LYS F 55 -4.06 1.99 -24.33
C LYS F 55 -3.68 3.25 -23.54
N ASP F 56 -2.57 3.18 -22.77
CA ASP F 56 -2.03 4.29 -21.99
C ASP F 56 -1.55 5.44 -22.87
N ILE F 57 -0.94 5.11 -24.03
CA ILE F 57 -0.45 6.12 -24.97
C ILE F 57 -1.63 6.87 -25.59
N PHE F 58 -2.66 6.16 -26.03
CA PHE F 58 -3.85 6.78 -26.59
C PHE F 58 -4.60 7.65 -25.59
N ALA F 59 -4.81 7.16 -24.36
CA ALA F 59 -5.51 7.88 -23.31
C ALA F 59 -4.73 9.05 -22.72
N ASN F 60 -3.46 8.85 -22.34
CA ASN F 60 -2.67 9.87 -21.65
C ASN F 60 -1.82 10.77 -22.54
N ASN F 61 -1.27 10.26 -23.64
CA ASN F 61 -0.38 11.08 -24.47
C ASN F 61 -1.07 11.66 -25.68
N LEU F 62 -1.90 10.86 -26.37
CA LEU F 62 -2.60 11.28 -27.58
C LEU F 62 -3.95 11.93 -27.26
N LYS F 63 -4.43 11.74 -26.02
CA LYS F 63 -5.64 12.34 -25.43
C LYS F 63 -6.95 11.89 -26.12
N SER F 64 -6.96 10.68 -26.68
CA SER F 64 -8.15 10.06 -27.29
C SER F 64 -9.06 9.46 -26.19
N ALA F 65 -10.37 9.28 -26.48
CA ALA F 65 -11.31 8.65 -25.55
C ALA F 65 -11.21 7.13 -25.78
N ILE F 66 -11.12 6.35 -24.70
CA ILE F 66 -11.07 4.90 -24.84
C ILE F 66 -12.52 4.39 -24.85
N SER F 67 -12.90 3.67 -25.90
CA SER F 67 -14.25 3.11 -26.02
C SER F 67 -14.23 1.61 -25.77
N ASN F 68 -15.26 1.11 -25.08
CA ASN F 68 -15.42 -0.33 -24.81
C ASN F 68 -16.21 -1.00 -25.93
N ASN F 69 -16.80 -0.19 -26.82
CA ASN F 69 -17.58 -0.68 -27.95
C ASN F 69 -16.82 -0.33 -29.24
N PHE F 70 -16.25 -1.34 -29.90
CA PHE F 70 -15.49 -1.12 -31.14
C PHE F 70 -16.34 -0.57 -32.29
N ARG F 71 -17.69 -0.73 -32.20
N ARG F 71 -17.68 -0.72 -32.19
CA ARG F 71 -18.66 -0.22 -33.18
CA ARG F 71 -18.67 -0.23 -33.15
C ARG F 71 -18.92 1.30 -32.95
C ARG F 71 -18.96 1.27 -32.93
N GLU F 72 -18.41 1.86 -31.82
CA GLU F 72 -18.54 3.27 -31.44
C GLU F 72 -17.12 3.88 -31.30
N SER F 73 -16.30 3.64 -32.33
CA SER F 73 -14.90 4.06 -32.40
C SER F 73 -14.50 4.49 -33.79
N ASP F 74 -13.52 5.41 -33.86
CA ASP F 74 -12.97 5.88 -35.13
C ASP F 74 -11.76 4.98 -35.47
N ILE F 75 -11.05 4.50 -34.44
CA ILE F 75 -9.86 3.66 -34.59
C ILE F 75 -10.01 2.38 -33.74
N ILE F 76 -9.75 1.22 -34.36
CA ILE F 76 -9.80 -0.10 -33.72
C ILE F 76 -8.41 -0.72 -33.76
N ILE F 77 -7.84 -1.00 -32.58
CA ILE F 77 -6.52 -1.59 -32.43
C ILE F 77 -6.68 -3.10 -32.25
N LEU F 78 -6.10 -3.89 -33.18
CA LEU F 78 -6.19 -5.36 -33.19
C LEU F 78 -4.98 -6.03 -32.54
N LYS F 79 -5.12 -7.29 -32.13
CA LYS F 79 -4.04 -8.09 -31.52
C LYS F 79 -3.24 -8.90 -32.58
N GLY F 80 -3.46 -8.56 -33.85
CA GLY F 80 -2.80 -9.14 -35.02
C GLY F 80 -3.29 -8.47 -36.29
N GLU F 81 -3.08 -9.11 -37.44
CA GLU F 81 -3.56 -8.60 -38.74
C GLU F 81 -5.01 -9.08 -38.89
N ILE F 82 -5.89 -8.25 -39.50
CA ILE F 82 -7.32 -8.58 -39.68
C ILE F 82 -7.53 -9.89 -40.48
N GLU F 83 -6.67 -10.14 -41.48
CA GLU F 83 -6.71 -11.34 -42.33
C GLU F 83 -6.44 -12.64 -41.55
N ASP F 84 -5.76 -12.54 -40.38
CA ASP F 84 -5.45 -13.68 -39.52
C ASP F 84 -6.58 -14.01 -38.52
N TYR F 85 -7.60 -13.15 -38.44
CA TYR F 85 -8.74 -13.37 -37.55
C TYR F 85 -9.73 -14.35 -38.18
N PRO F 86 -10.30 -15.31 -37.43
CA PRO F 86 -11.28 -16.23 -38.04
C PRO F 86 -12.58 -15.54 -38.38
N MET F 87 -13.34 -16.08 -39.35
CA MET F 87 -14.62 -15.55 -39.81
C MET F 87 -15.67 -15.44 -38.70
N SER F 88 -15.58 -16.36 -37.70
CA SER F 88 -16.48 -16.42 -36.55
C SER F 88 -16.21 -15.35 -35.48
N SER F 89 -15.00 -14.75 -35.48
CA SER F 89 -14.66 -13.70 -34.51
C SER F 89 -15.51 -12.44 -34.75
N GLU F 90 -16.02 -11.82 -33.65
CA GLU F 90 -16.88 -10.63 -33.63
C GLU F 90 -16.31 -9.44 -34.38
N ILE F 91 -14.99 -9.22 -34.24
CA ILE F 91 -14.30 -8.12 -34.89
C ILE F 91 -14.18 -8.33 -36.43
N LYS F 92 -13.99 -9.58 -36.88
CA LYS F 92 -13.92 -9.92 -38.30
C LYS F 92 -15.29 -9.77 -38.95
N ILE F 93 -16.37 -10.17 -38.24
CA ILE F 93 -17.76 -10.03 -38.71
C ILE F 93 -18.04 -8.55 -38.98
N TYR F 94 -17.73 -7.69 -37.99
CA TYR F 94 -17.91 -6.25 -38.09
C TYR F 94 -17.08 -5.65 -39.23
N TYR F 95 -15.80 -6.07 -39.36
CA TYR F 95 -14.91 -5.63 -40.42
C TYR F 95 -15.55 -5.90 -41.81
N ASN F 96 -16.17 -7.09 -41.99
CA ASN F 96 -16.87 -7.46 -43.23
C ASN F 96 -18.06 -6.54 -43.52
N GLU F 97 -18.81 -6.12 -42.46
CA GLU F 97 -19.97 -5.23 -42.56
C GLU F 97 -19.59 -3.87 -43.17
N LEU F 98 -18.44 -3.33 -42.73
CA LEU F 98 -17.93 -2.01 -43.14
C LEU F 98 -17.34 -1.95 -44.55
N GLN F 99 -16.62 -3.00 -44.99
CA GLN F 99 -15.93 -3.01 -46.29
C GLN F 99 -16.85 -3.16 -47.54
N ASN F 100 -18.17 -3.35 -47.34
CA ASN F 100 -19.13 -3.48 -48.45
C ASN F 100 -20.03 -2.24 -48.59
N LYS F 101 -20.47 -1.68 -47.44
CA LYS F 101 -21.34 -0.50 -47.36
C LYS F 101 -20.55 0.78 -47.60
N LYS F 105 -19.65 5.78 -43.56
CA LYS F 105 -18.75 6.08 -42.46
C LYS F 105 -17.99 4.82 -42.00
N LYS F 106 -16.65 4.82 -42.15
CA LYS F 106 -15.80 3.67 -41.81
C LYS F 106 -14.72 3.98 -40.79
N ALA F 107 -14.55 3.05 -39.86
CA ALA F 107 -13.54 3.08 -38.82
C ALA F 107 -12.24 2.52 -39.40
N ARG F 108 -11.10 2.86 -38.79
CA ARG F 108 -9.80 2.32 -39.19
C ARG F 108 -9.50 1.09 -38.33
N PHE F 109 -9.03 0.01 -38.98
CA PHE F 109 -8.69 -1.24 -38.32
C PHE F 109 -7.18 -1.34 -38.42
N TRP F 110 -6.49 -1.16 -37.30
CA TRP F 110 -5.03 -1.21 -37.28
C TRP F 110 -4.54 -2.38 -36.48
N SER F 111 -3.57 -3.12 -37.05
CA SER F 111 -2.89 -4.24 -36.39
C SER F 111 -2.07 -3.65 -35.24
N PHE F 112 -1.68 -4.45 -34.22
CA PHE F 112 -0.90 -3.85 -33.13
C PHE F 112 0.50 -3.42 -33.60
N MET F 113 1.05 -4.07 -34.66
CA MET F 113 2.35 -3.66 -35.24
C MET F 113 2.25 -2.32 -35.97
N LYS F 114 1.20 -2.12 -36.79
CA LYS F 114 0.92 -0.83 -37.45
C LYS F 114 0.70 0.28 -36.38
N THR F 115 0.00 -0.05 -35.26
CA THR F 115 -0.28 0.90 -34.15
C THR F 115 1.01 1.28 -33.44
N GLN F 116 1.93 0.32 -33.21
CA GLN F 116 3.23 0.55 -32.58
C GLN F 116 4.08 1.49 -33.42
N ARG F 117 4.09 1.29 -34.76
CA ARG F 117 4.82 2.13 -35.71
C ARG F 117 4.19 3.55 -35.76
N PHE F 118 2.85 3.64 -35.70
CA PHE F 118 2.13 4.92 -35.71
C PHE F 118 2.50 5.76 -34.49
N VAL F 119 2.38 5.15 -33.31
CA VAL F 119 2.65 5.73 -32.00
C VAL F 119 4.10 6.22 -31.92
N SER F 120 5.05 5.42 -32.44
CA SER F 120 6.48 5.76 -32.51
C SER F 120 6.71 6.97 -33.43
N ASN F 121 5.94 7.06 -34.54
CA ASN F 121 5.99 8.20 -35.47
C ASN F 121 5.34 9.45 -34.88
N MET F 122 4.49 9.29 -33.85
CA MET F 122 3.81 10.39 -33.15
C MET F 122 4.73 10.99 -32.08
N GLY F 123 5.77 10.25 -31.74
CA GLY F 123 6.77 10.63 -30.75
C GLY F 123 6.64 9.91 -29.43
N PHE F 124 6.03 8.72 -29.44
CA PHE F 124 5.84 7.95 -28.20
C PHE F 124 6.42 6.55 -28.33
N ASP F 125 7.76 6.54 -28.39
CA ASP F 125 8.68 5.41 -28.49
C ASP F 125 8.27 4.26 -27.56
N ILE F 126 7.82 3.16 -28.17
CA ILE F 126 7.36 1.95 -27.49
C ILE F 126 8.39 0.81 -27.65
N SER G 12 -25.95 45.41 -38.85
CA SER G 12 -26.79 44.33 -39.36
C SER G 12 -26.04 42.99 -39.27
N LYS G 13 -26.75 41.88 -39.51
CA LYS G 13 -26.18 40.53 -39.47
C LYS G 13 -25.12 40.36 -40.56
N SER G 14 -25.31 41.00 -41.73
CA SER G 14 -24.39 40.97 -42.88
C SER G 14 -23.06 41.64 -42.51
N SER G 15 -23.11 42.83 -41.86
CA SER G 15 -21.95 43.59 -41.39
C SER G 15 -21.20 42.82 -40.29
N TRP G 16 -21.99 42.25 -39.33
CA TRP G 16 -21.52 41.43 -38.21
C TRP G 16 -20.72 40.22 -38.73
N ARG G 17 -21.25 39.54 -39.77
CA ARG G 17 -20.64 38.36 -40.40
C ARG G 17 -19.32 38.71 -41.07
N GLN G 18 -19.26 39.86 -41.77
CA GLN G 18 -18.04 40.31 -42.46
C GLN G 18 -16.90 40.63 -41.48
N GLU G 19 -17.24 41.26 -40.34
CA GLU G 19 -16.29 41.60 -39.26
C GLU G 19 -15.73 40.31 -38.64
N TRP G 20 -16.60 39.30 -38.43
CA TRP G 20 -16.17 38.01 -37.87
C TRP G 20 -15.24 37.27 -38.81
N LEU G 21 -15.61 37.19 -40.11
CA LEU G 21 -14.82 36.53 -41.15
C LEU G 21 -13.40 37.10 -41.28
N ALA G 22 -13.26 38.45 -41.18
CA ALA G 22 -11.96 39.13 -41.25
C ALA G 22 -11.14 38.75 -40.01
N ASN G 23 -11.78 38.68 -38.83
CA ASN G 23 -11.11 38.28 -37.60
C ASN G 23 -10.66 36.83 -37.59
N LEU G 24 -11.51 35.91 -38.11
CA LEU G 24 -11.28 34.45 -38.12
C LEU G 24 -10.06 34.03 -38.92
N LYS G 25 -9.67 34.86 -39.90
CA LYS G 25 -8.49 34.67 -40.72
C LYS G 25 -7.20 34.91 -39.88
N LEU G 26 -7.33 35.65 -38.75
CA LEU G 26 -6.23 36.05 -37.87
C LEU G 26 -6.33 35.41 -36.47
N ILE G 27 -7.07 34.31 -36.37
CA ILE G 27 -7.36 33.59 -35.13
C ILE G 27 -6.86 32.16 -35.15
N SER G 28 -6.37 31.69 -33.99
CA SER G 28 -5.98 30.31 -33.73
C SER G 28 -7.12 29.73 -32.89
N VAL G 29 -7.60 28.55 -33.29
CA VAL G 29 -8.72 27.86 -32.67
C VAL G 29 -8.22 26.52 -32.14
N SER G 30 -8.59 26.19 -30.89
CA SER G 30 -8.27 24.93 -30.21
C SER G 30 -9.55 24.19 -29.88
N LEU G 31 -9.59 22.90 -30.21
CA LEU G 31 -10.74 22.03 -29.89
C LEU G 31 -10.21 21.04 -28.86
N VAL G 32 -10.65 21.19 -27.61
CA VAL G 32 -10.17 20.40 -26.45
C VAL G 32 -10.48 18.89 -26.56
N ASP G 33 -9.72 18.11 -25.81
CA ASP G 33 -9.82 16.66 -25.71
C ASP G 33 -10.76 16.21 -24.60
N GLU G 34 -10.72 16.87 -23.43
CA GLU G 34 -11.50 16.50 -22.25
C GLU G 34 -13.01 16.67 -22.44
N PHE G 35 -13.75 15.70 -21.90
CA PHE G 35 -15.22 15.67 -21.85
C PHE G 35 -15.59 16.18 -20.43
N PRO G 36 -16.65 16.99 -20.24
CA PRO G 36 -16.92 17.50 -18.88
C PRO G 36 -17.43 16.47 -17.86
N SER G 37 -18.49 15.75 -18.24
CA SER G 37 -19.13 14.74 -17.42
C SER G 37 -18.78 13.37 -18.00
N GLU G 38 -19.06 12.32 -17.24
CA GLU G 38 -18.82 10.97 -17.73
C GLU G 38 -20.08 10.53 -18.46
N LEU G 39 -19.90 10.22 -19.74
CA LEU G 39 -20.96 9.88 -20.69
C LEU G 39 -20.73 8.44 -21.16
N SER G 40 -21.69 7.90 -21.94
CA SER G 40 -21.54 6.58 -22.53
C SER G 40 -20.57 6.69 -23.73
N ASP G 41 -20.16 5.54 -24.29
CA ASP G 41 -19.30 5.46 -25.48
C ASP G 41 -20.01 6.09 -26.68
N SER G 42 -21.33 5.88 -26.76
CA SER G 42 -22.23 6.41 -27.79
C SER G 42 -22.31 7.93 -27.73
N ASP G 43 -22.52 8.51 -26.52
CA ASP G 43 -22.60 9.97 -26.32
C ASP G 43 -21.28 10.65 -26.66
N ARG G 44 -20.15 10.02 -26.29
CA ARG G 44 -18.82 10.55 -26.57
C ARG G 44 -18.53 10.53 -28.08
N GLN G 45 -18.97 9.46 -28.79
CA GLN G 45 -18.80 9.33 -30.24
C GLN G 45 -19.61 10.40 -30.99
N ILE G 46 -20.84 10.68 -30.54
CA ILE G 46 -21.70 11.72 -31.13
C ILE G 46 -21.02 13.10 -31.02
N ILE G 47 -20.54 13.47 -29.81
CA ILE G 47 -19.83 14.75 -29.57
C ILE G 47 -18.57 14.84 -30.43
N ASN G 48 -17.76 13.76 -30.45
CA ASN G 48 -16.52 13.71 -31.24
C ASN G 48 -16.75 13.93 -32.73
N GLU G 49 -17.82 13.33 -33.30
CA GLU G 49 -18.18 13.48 -34.72
C GLU G 49 -18.53 14.94 -35.01
N LYS G 50 -19.26 15.62 -34.09
CA LYS G 50 -19.63 17.03 -34.19
C LYS G 50 -18.38 17.93 -34.09
N MET G 51 -17.45 17.61 -33.17
CA MET G 51 -16.20 18.34 -32.96
C MET G 51 -15.32 18.29 -34.23
N GLN G 52 -15.26 17.10 -34.88
CA GLN G 52 -14.52 16.89 -36.12
C GLN G 52 -15.05 17.77 -37.28
N LEU G 53 -16.40 17.93 -37.35
CA LEU G 53 -17.06 18.77 -38.36
C LEU G 53 -16.75 20.23 -38.11
N LEU G 54 -16.75 20.64 -36.82
CA LEU G 54 -16.42 22.00 -36.40
C LEU G 54 -14.97 22.34 -36.72
N LYS G 55 -14.04 21.37 -36.52
CA LYS G 55 -12.61 21.55 -36.85
C LYS G 55 -12.43 21.85 -38.35
N ASP G 56 -13.14 21.10 -39.21
CA ASP G 56 -13.12 21.27 -40.67
C ASP G 56 -13.68 22.61 -41.12
N ILE G 57 -14.78 23.08 -40.47
CA ILE G 57 -15.39 24.37 -40.78
C ILE G 57 -14.40 25.49 -40.45
N PHE G 58 -13.81 25.48 -39.24
CA PHE G 58 -12.83 26.48 -38.83
C PHE G 58 -11.60 26.52 -39.74
N ALA G 59 -11.04 25.33 -40.07
CA ALA G 59 -9.85 25.24 -40.92
C ALA G 59 -10.10 25.58 -42.39
N ASN G 60 -11.14 24.98 -42.99
CA ASN G 60 -11.42 25.11 -44.43
C ASN G 60 -12.36 26.23 -44.83
N ASN G 61 -13.37 26.54 -44.02
CA ASN G 61 -14.33 27.57 -44.41
C ASN G 61 -14.08 28.92 -43.78
N LEU G 62 -13.74 28.94 -42.48
CA LEU G 62 -13.51 30.18 -41.74
C LEU G 62 -12.04 30.63 -41.82
N LYS G 63 -11.17 29.72 -42.29
CA LYS G 63 -9.74 29.93 -42.57
C LYS G 63 -8.89 30.28 -41.32
N SER G 64 -9.31 29.78 -40.16
CA SER G 64 -8.58 29.92 -38.89
C SER G 64 -7.47 28.86 -38.79
N ALA G 65 -6.43 29.13 -37.98
CA ALA G 65 -5.34 28.17 -37.75
C ALA G 65 -5.78 27.21 -36.62
N ILE G 66 -5.57 25.90 -36.79
CA ILE G 66 -5.93 24.94 -35.75
C ILE G 66 -4.72 24.81 -34.84
N SER G 67 -4.91 25.05 -33.54
CA SER G 67 -3.86 24.91 -32.55
C SER G 67 -4.05 23.68 -31.67
N ASN G 68 -2.96 22.98 -31.36
CA ASN G 68 -2.96 21.82 -30.46
C ASN G 68 -2.77 22.23 -29.00
N ASN G 69 -2.40 23.50 -28.77
CA ASN G 69 -2.19 24.07 -27.46
C ASN G 69 -3.29 25.08 -27.21
N PHE G 70 -4.25 24.76 -26.31
CA PHE G 70 -5.36 25.67 -26.01
C PHE G 70 -4.91 26.98 -25.37
N ARG G 71 -3.68 27.02 -24.81
CA ARG G 71 -3.06 28.22 -24.21
C ARG G 71 -2.48 29.13 -25.30
N GLU G 72 -2.46 28.67 -26.56
CA GLU G 72 -1.97 29.42 -27.74
C GLU G 72 -3.11 29.52 -28.76
N SER G 73 -4.29 29.95 -28.27
CA SER G 73 -5.53 30.08 -29.03
C SER G 73 -6.35 31.28 -28.59
N ASP G 74 -7.10 31.85 -29.54
CA ASP G 74 -8.01 32.98 -29.28
C ASP G 74 -9.40 32.42 -28.96
N ILE G 75 -9.75 31.26 -29.54
CA ILE G 75 -11.04 30.59 -29.34
C ILE G 75 -10.81 29.13 -28.98
N ILE G 76 -11.46 28.70 -27.88
CA ILE G 76 -11.38 27.34 -27.35
C ILE G 76 -12.75 26.69 -27.45
N ILE G 77 -12.85 25.61 -28.25
CA ILE G 77 -14.12 24.86 -28.44
C ILE G 77 -14.13 23.69 -27.47
N LEU G 78 -15.12 23.67 -26.56
CA LEU G 78 -15.28 22.66 -25.51
C LEU G 78 -16.26 21.55 -25.91
N LYS G 79 -16.19 20.41 -25.22
CA LYS G 79 -17.08 19.25 -25.44
C LYS G 79 -18.35 19.30 -24.56
N GLY G 80 -18.56 20.45 -23.91
CA GLY G 80 -19.70 20.78 -23.06
C GLY G 80 -19.60 22.22 -22.56
N GLU G 81 -20.33 22.56 -21.50
CA GLU G 81 -20.27 23.91 -20.90
C GLU G 81 -19.07 23.91 -19.92
N ILE G 82 -18.34 25.03 -19.80
CA ILE G 82 -17.16 25.14 -18.91
C ILE G 82 -17.51 24.85 -17.44
N GLU G 83 -18.71 25.27 -16.99
CA GLU G 83 -19.18 25.06 -15.62
C GLU G 83 -19.39 23.56 -15.28
N ASP G 84 -19.54 22.70 -16.32
CA ASP G 84 -19.72 21.26 -16.14
C ASP G 84 -18.38 20.49 -16.09
N TYR G 85 -17.27 21.18 -16.34
CA TYR G 85 -15.94 20.58 -16.29
C TYR G 85 -15.45 20.47 -14.83
N PRO G 86 -14.81 19.36 -14.41
CA PRO G 86 -14.32 19.27 -13.03
C PRO G 86 -13.16 20.22 -12.77
N MET G 87 -12.96 20.62 -11.50
CA MET G 87 -11.89 21.54 -11.07
C MET G 87 -10.49 21.02 -11.39
N SER G 88 -10.32 19.68 -11.40
CA SER G 88 -9.06 18.99 -11.69
C SER G 88 -8.71 18.96 -13.18
N SER G 89 -9.69 19.21 -14.08
CA SER G 89 -9.45 19.21 -15.52
C SER G 89 -8.55 20.37 -15.94
N GLU G 90 -7.59 20.10 -16.83
CA GLU G 90 -6.61 21.05 -17.35
C GLU G 90 -7.22 22.31 -17.94
N ILE G 91 -8.33 22.17 -18.67
CA ILE G 91 -9.01 23.29 -19.30
C ILE G 91 -9.72 24.18 -18.26
N LYS G 92 -10.29 23.58 -17.20
CA LYS G 92 -10.94 24.33 -16.12
C LYS G 92 -9.92 25.10 -15.28
N ILE G 93 -8.73 24.49 -15.03
CA ILE G 93 -7.63 25.13 -14.30
C ILE G 93 -7.21 26.40 -15.05
N TYR G 94 -6.99 26.28 -16.37
CA TYR G 94 -6.62 27.39 -17.25
C TYR G 94 -7.70 28.46 -17.26
N TYR G 95 -8.98 28.05 -17.36
CA TYR G 95 -10.13 28.96 -17.34
C TYR G 95 -10.15 29.78 -16.03
N ASN G 96 -10.02 29.11 -14.86
CA ASN G 96 -10.02 29.74 -13.54
C ASN G 96 -8.84 30.74 -13.44
N GLU G 97 -7.65 30.32 -13.93
CA GLU G 97 -6.40 31.10 -13.98
C GLU G 97 -6.60 32.40 -14.76
N LEU G 98 -7.36 32.32 -15.87
CA LEU G 98 -7.66 33.45 -16.76
C LEU G 98 -8.70 34.41 -16.16
N GLN G 99 -9.61 33.90 -15.31
CA GLN G 99 -10.66 34.69 -14.65
C GLN G 99 -10.13 35.70 -13.61
N ASN G 100 -8.84 35.58 -13.23
CA ASN G 100 -8.19 36.50 -12.30
C ASN G 100 -7.48 37.58 -13.12
N LYS G 101 -8.11 38.79 -13.22
CA LYS G 101 -7.68 39.98 -13.96
C LYS G 101 -7.83 39.82 -15.51
N PRO G 102 -8.42 40.82 -16.23
CA PRO G 102 -8.59 40.66 -17.69
C PRO G 102 -7.36 41.14 -18.48
N LYS G 106 -7.49 37.68 -23.13
CA LYS G 106 -8.36 36.64 -22.60
C LYS G 106 -9.09 35.89 -23.75
N ALA G 107 -8.85 34.58 -23.86
CA ALA G 107 -9.42 33.69 -24.89
C ALA G 107 -10.90 33.46 -24.67
N ARG G 108 -11.64 33.11 -25.73
CA ARG G 108 -13.06 32.78 -25.62
C ARG G 108 -13.23 31.27 -25.42
N PHE G 109 -14.06 30.87 -24.44
CA PHE G 109 -14.33 29.46 -24.12
C PHE G 109 -15.75 29.16 -24.55
N TRP G 110 -15.93 28.51 -25.72
CA TRP G 110 -17.25 28.24 -26.26
C TRP G 110 -17.57 26.78 -26.17
N SER G 111 -18.81 26.49 -25.75
CA SER G 111 -19.33 25.12 -25.67
C SER G 111 -19.53 24.64 -27.12
N PHE G 112 -19.61 23.32 -27.37
CA PHE G 112 -19.79 22.90 -28.77
C PHE G 112 -21.17 23.31 -29.32
N MET G 113 -22.20 23.48 -28.44
CA MET G 113 -23.54 23.97 -28.85
C MET G 113 -23.52 25.44 -29.27
N LYS G 114 -22.83 26.29 -28.49
CA LYS G 114 -22.63 27.70 -28.83
C LYS G 114 -21.84 27.82 -30.16
N THR G 115 -20.82 26.95 -30.36
CA THR G 115 -19.99 26.93 -31.56
C THR G 115 -20.80 26.54 -32.79
N GLN G 116 -21.70 25.53 -32.66
CA GLN G 116 -22.60 25.08 -33.73
C GLN G 116 -23.52 26.21 -34.18
N ARG G 117 -24.09 26.97 -33.22
CA ARG G 117 -24.96 28.11 -33.50
C ARG G 117 -24.17 29.25 -34.18
N PHE G 118 -22.92 29.49 -33.73
CA PHE G 118 -22.05 30.52 -34.29
C PHE G 118 -21.74 30.26 -35.77
N VAL G 119 -21.29 29.04 -36.06
CA VAL G 119 -20.89 28.51 -37.36
C VAL G 119 -22.08 28.53 -38.35
N SER G 120 -23.29 28.25 -37.84
CA SER G 120 -24.54 28.32 -38.62
C SER G 120 -24.85 29.79 -38.96
N ASN G 121 -24.57 30.73 -38.02
CA ASN G 121 -24.76 32.17 -38.22
C ASN G 121 -23.72 32.77 -39.16
N MET G 122 -22.57 32.07 -39.34
CA MET G 122 -21.48 32.46 -40.23
C MET G 122 -21.74 31.94 -41.66
N GLY G 123 -22.76 31.09 -41.81
CA GLY G 123 -23.22 30.54 -43.07
C GLY G 123 -22.76 29.13 -43.38
N PHE G 124 -22.44 28.34 -42.34
CA PHE G 124 -21.94 26.98 -42.51
C PHE G 124 -22.72 25.97 -41.69
N ASP G 125 -23.88 25.55 -42.25
CA ASP G 125 -24.82 24.56 -41.70
C ASP G 125 -24.13 23.27 -41.20
N ILE G 126 -24.73 22.63 -40.17
CA ILE G 126 -24.22 21.39 -39.58
C ILE G 126 -25.33 20.65 -38.82
N LEU H 1 17.62 15.57 8.69
CA LEU H 1 17.33 16.79 9.44
C LEU H 1 18.63 17.51 9.87
N SER H 2 18.62 18.88 9.80
CA SER H 2 19.75 19.75 10.15
C SER H 2 20.19 19.57 11.60
N THR H 3 21.50 19.71 11.84
CA THR H 3 22.13 19.54 13.15
C THR H 3 22.17 20.85 13.97
N GLU H 4 21.73 21.98 13.37
CA GLU H 4 21.79 23.27 14.05
C GLU H 4 20.82 23.41 15.23
N LEU H 5 19.59 22.87 15.13
CA LEU H 5 18.60 22.97 16.20
C LEU H 5 18.93 22.03 17.35
N SER H 6 19.08 22.58 18.55
CA SER H 6 19.45 21.84 19.74
C SER H 6 18.24 21.16 20.38
N GLU H 8 18.08 20.53 23.56
CA GLU H 8 17.93 21.27 24.81
C GLU H 8 17.59 22.72 24.53
N PRO H 9 16.59 23.32 25.24
CA PRO H 9 16.23 24.73 24.98
C PRO H 9 17.33 25.74 25.31
N PRO H 10 17.28 26.98 24.75
CA PRO H 10 18.34 27.98 25.07
C PRO H 10 18.38 28.39 26.54
N LEU I 1 -1.41 -1.11 26.37
CA LEU I 1 -1.64 -0.88 24.94
C LEU I 1 -3.06 -0.35 24.67
N SER I 2 -3.18 0.62 23.71
CA SER I 2 -4.46 1.24 23.30
C SER I 2 -5.42 0.21 22.72
N THR I 3 -6.72 0.39 22.98
CA THR I 3 -7.77 -0.52 22.52
C THR I 3 -8.33 -0.14 21.13
N GLU I 4 -7.84 0.97 20.54
CA GLU I 4 -8.34 1.45 19.24
C GLU I 4 -7.99 0.54 18.06
N LEU I 5 -6.78 -0.05 18.04
CA LEU I 5 -6.38 -0.91 16.93
C LEU I 5 -7.02 -2.29 17.01
N SER I 6 -7.75 -2.67 15.97
CA SER I 6 -8.47 -3.94 15.93
C SER I 6 -7.56 -5.10 15.57
N GLU I 8 -8.66 -7.73 14.05
CA GLU I 8 -9.15 -8.11 12.72
C GLU I 8 -8.87 -6.99 11.72
N PRO I 9 -8.31 -7.34 10.53
CA PRO I 9 -7.98 -6.30 9.53
C PRO I 9 -9.21 -5.62 8.91
N PRO I 10 -9.06 -4.43 8.26
CA PRO I 10 -10.23 -3.80 7.62
C PRO I 10 -10.78 -4.62 6.44
N SER I 11 -12.10 -4.54 6.21
CA SER I 11 -12.78 -5.26 5.14
C SER I 11 -12.39 -4.78 3.74
N SER J 2 -3.28 38.59 -2.79
CA SER J 2 -3.95 38.89 -4.05
C SER J 2 -3.86 37.72 -5.03
N THR J 3 -4.90 37.55 -5.84
CA THR J 3 -5.00 36.47 -6.82
C THR J 3 -4.38 36.84 -8.19
N GLU J 4 -3.92 38.10 -8.37
CA GLU J 4 -3.38 38.57 -9.64
C GLU J 4 -2.03 37.92 -10.04
N LEU J 5 -1.13 37.68 -9.07
CA LEU J 5 0.17 37.09 -9.37
C LEU J 5 0.06 35.58 -9.59
N SER J 6 0.44 35.12 -10.77
CA SER J 6 0.35 33.72 -11.16
C SER J 6 1.54 32.92 -10.67
N GLU J 8 2.60 30.27 -12.16
CA GLU J 8 3.29 29.91 -13.40
C GLU J 8 3.84 31.15 -14.09
N PRO J 9 5.14 31.13 -14.50
CA PRO J 9 5.72 32.31 -15.18
C PRO J 9 5.13 32.60 -16.56
N PRO J 10 5.30 33.83 -17.13
CA PRO J 10 4.77 34.11 -18.47
C PRO J 10 5.43 33.27 -19.58
N SER K 2 12.80 -26.30 19.02
CA SER K 2 14.02 -25.91 18.32
C SER K 2 15.28 -26.42 19.03
N THR K 3 16.33 -26.73 18.24
CA THR K 3 17.59 -27.25 18.74
C THR K 3 18.60 -26.14 19.12
N GLU K 4 18.26 -24.85 18.87
CA GLU K 4 19.16 -23.73 19.14
C GLU K 4 19.44 -23.49 20.65
N LEU K 5 18.43 -23.65 21.53
CA LEU K 5 18.60 -23.43 22.96
C LEU K 5 19.37 -24.59 23.60
N SER K 6 20.50 -24.25 24.23
CA SER K 6 21.39 -25.25 24.84
C SER K 6 20.90 -25.69 26.21
N GLU K 8 22.95 -26.67 28.50
CA GLU K 8 23.97 -26.12 29.38
C GLU K 8 23.92 -24.58 29.35
N PRO K 9 24.02 -23.92 30.53
CA PRO K 9 24.00 -22.45 30.56
C PRO K 9 25.24 -21.80 29.90
N PRO K 10 25.17 -20.49 29.51
CA PRO K 10 26.36 -19.86 28.88
C PRO K 10 27.56 -19.76 29.82
N LEU L 1 -0.19 -5.44 -15.91
CA LEU L 1 -1.29 -4.52 -15.61
C LEU L 1 -0.90 -3.47 -14.55
N SER L 2 -1.28 -2.19 -14.82
CA SER L 2 -1.04 -1.03 -13.95
C SER L 2 -1.70 -1.20 -12.57
N THR L 3 -1.08 -0.64 -11.54
CA THR L 3 -1.55 -0.73 -10.15
C THR L 3 -2.55 0.39 -9.78
N GLU L 4 -2.80 1.36 -10.71
CA GLU L 4 -3.67 2.50 -10.42
C GLU L 4 -5.16 2.13 -10.26
N LEU L 5 -5.68 1.18 -11.04
CA LEU L 5 -7.09 0.81 -10.94
C LEU L 5 -7.33 -0.11 -9.76
N SER L 6 -8.21 0.32 -8.84
CA SER L 6 -8.52 -0.43 -7.63
C SER L 6 -9.52 -1.55 -7.91
N GLU L 8 -11.57 -2.61 -5.64
CA GLU L 8 -12.76 -2.13 -4.92
C GLU L 8 -13.35 -0.88 -5.60
N PRO L 9 -14.68 -0.88 -5.82
CA PRO L 9 -15.28 0.27 -6.53
C PRO L 9 -15.47 1.49 -5.63
N PRO L 10 -15.79 2.69 -6.18
CA PRO L 10 -16.26 3.81 -5.31
C PRO L 10 -17.64 3.44 -4.68
N SER L 11 -18.00 4.06 -3.56
CA SER L 11 -19.23 3.71 -2.84
C SER L 11 -20.54 3.85 -3.64
N SER L 12 -20.56 4.66 -4.73
CA SER L 12 -21.80 4.89 -5.49
C SER L 12 -21.61 4.94 -7.02
N LEU M 1 -14.36 9.35 -38.71
CA LEU M 1 -13.14 10.07 -39.06
C LEU M 1 -12.84 9.98 -40.57
N SER M 2 -12.37 11.12 -41.17
CA SER M 2 -12.02 11.24 -42.59
C SER M 2 -10.90 10.28 -42.99
N THR M 3 -10.95 9.79 -44.23
CA THR M 3 -9.99 8.84 -44.77
C THR M 3 -8.77 9.52 -45.43
N GLU M 4 -8.76 10.87 -45.53
CA GLU M 4 -7.68 11.61 -46.18
C GLU M 4 -6.33 11.57 -45.43
N LEU M 5 -6.33 11.61 -44.08
CA LEU M 5 -5.10 11.57 -43.31
C LEU M 5 -4.51 10.14 -43.27
N SER M 6 -3.28 9.98 -43.75
CA SER M 6 -2.62 8.70 -43.82
C SER M 6 -1.99 8.29 -42.49
N GLU M 8 0.61 6.36 -42.35
CA GLU M 8 2.04 6.44 -42.66
C GLU M 8 2.45 7.88 -42.92
N PRO M 9 3.58 8.37 -42.33
CA PRO M 9 4.01 9.76 -42.56
C PRO M 9 4.43 10.06 -44.01
N PRO M 10 4.42 11.34 -44.44
CA PRO M 10 4.79 11.64 -45.84
C PRO M 10 6.21 11.24 -46.20
N THR N 3 -12.41 41.63 -27.44
CA THR N 3 -13.58 41.27 -26.62
C THR N 3 -14.87 42.05 -27.03
N GLU N 4 -14.75 43.09 -27.90
CA GLU N 4 -15.89 43.90 -28.33
C GLU N 4 -16.89 43.14 -29.24
N LEU N 5 -16.39 42.24 -30.12
CA LEU N 5 -17.22 41.48 -31.04
C LEU N 5 -18.05 40.41 -30.32
N SER N 6 -19.37 40.48 -30.47
CA SER N 6 -20.30 39.54 -29.85
C SER N 6 -20.41 38.24 -30.66
N GLU N 8 -23.07 36.39 -30.59
CA GLU N 8 -24.45 36.44 -31.06
C GLU N 8 -24.66 37.61 -32.03
N PRO N 9 -25.37 37.38 -33.16
CA PRO N 9 -25.62 38.47 -34.14
C PRO N 9 -26.48 39.62 -33.59
N PRO N 10 -26.47 40.82 -34.24
CA PRO N 10 -27.28 41.94 -33.72
C PRO N 10 -28.77 41.69 -33.73
N SER N 11 -29.51 42.36 -32.83
CA SER N 11 -30.96 42.26 -32.72
C SER N 11 -31.70 43.14 -33.73
#